data_1XST
# 
_entry.id   1XST 
# 
_audit_conform.dict_name       mmcif_pdbx.dic 
_audit_conform.dict_version    5.392 
_audit_conform.dict_location   http://mmcif.pdb.org/dictionaries/ascii/mmcif_pdbx.dic 
# 
loop_
_database_2.database_id 
_database_2.database_code 
_database_2.pdbx_database_accession 
_database_2.pdbx_DOI 
PDB   1XST         pdb_00001xst 10.2210/pdb1xst/pdb 
RCSB  RCSB030726   ?            ?                   
WWPDB D_1000030726 ?            ?                   
# 
loop_
_pdbx_audit_revision_history.ordinal 
_pdbx_audit_revision_history.data_content_type 
_pdbx_audit_revision_history.major_revision 
_pdbx_audit_revision_history.minor_revision 
_pdbx_audit_revision_history.revision_date 
1 'Structure model' 1 0 2004-12-28 
2 'Structure model' 1 1 2008-04-30 
3 'Structure model' 1 2 2011-07-13 
4 'Structure model' 1 3 2022-03-02 
5 'Structure model' 1 4 2024-05-29 
# 
_pdbx_audit_revision_details.ordinal             1 
_pdbx_audit_revision_details.revision_ordinal    1 
_pdbx_audit_revision_details.data_content_type   'Structure model' 
_pdbx_audit_revision_details.provider            repository 
_pdbx_audit_revision_details.type                'Initial release' 
_pdbx_audit_revision_details.description         ? 
_pdbx_audit_revision_details.details             ? 
# 
loop_
_pdbx_audit_revision_group.ordinal 
_pdbx_audit_revision_group.revision_ordinal 
_pdbx_audit_revision_group.data_content_type 
_pdbx_audit_revision_group.group 
1 2 'Structure model' 'Version format compliance' 
2 3 'Structure model' 'Version format compliance' 
3 4 'Structure model' 'Data collection'           
4 4 'Structure model' 'Database references'       
5 4 'Structure model' 'Derived calculations'      
6 5 'Structure model' 'Data collection'           
# 
loop_
_pdbx_audit_revision_category.ordinal 
_pdbx_audit_revision_category.revision_ordinal 
_pdbx_audit_revision_category.data_content_type 
_pdbx_audit_revision_category.category 
1 4 'Structure model' database_2            
2 4 'Structure model' pdbx_nmr_software     
3 4 'Structure model' pdbx_struct_assembly  
4 4 'Structure model' pdbx_struct_oper_list 
5 4 'Structure model' struct_site           
6 5 'Structure model' chem_comp_atom        
7 5 'Structure model' chem_comp_bond        
# 
loop_
_pdbx_audit_revision_item.ordinal 
_pdbx_audit_revision_item.revision_ordinal 
_pdbx_audit_revision_item.data_content_type 
_pdbx_audit_revision_item.item 
1 4 'Structure model' '_database_2.pdbx_DOI'                
2 4 'Structure model' '_database_2.pdbx_database_accession' 
3 4 'Structure model' '_pdbx_nmr_software.name'             
4 4 'Structure model' '_struct_site.pdbx_auth_asym_id'      
5 4 'Structure model' '_struct_site.pdbx_auth_comp_id'      
6 4 'Structure model' '_struct_site.pdbx_auth_seq_id'       
# 
_pdbx_database_status.status_code                     REL 
_pdbx_database_status.entry_id                        1XST 
_pdbx_database_status.recvd_initial_deposition_date   2004-10-20 
_pdbx_database_status.deposit_site                    RCSB 
_pdbx_database_status.process_site                    PDBJ 
_pdbx_database_status.SG_entry                        . 
_pdbx_database_status.pdb_format_compatible           Y 
_pdbx_database_status.status_code_mr                  ? 
_pdbx_database_status.status_code_sf                  ? 
_pdbx_database_status.status_code_cs                  ? 
_pdbx_database_status.status_code_nmr_data            ? 
_pdbx_database_status.methods_development_category    ? 
# 
loop_
_pdbx_database_related.db_name 
_pdbx_database_related.db_id 
_pdbx_database_related.details 
_pdbx_database_related.content_type 
PDB 1F6X 'Solution structure of wildtype RNase P RNA P4 oligoribonucleotide'                                        unspecified 
PDB 1F78 'Solution structure of wildtype RNase P RNA P4 oligoribonucleotide, complexed with cobalt (III) hexammine' unspecified 
PDB 1XSU 'U69C/C70U mutations'                                                                                      unspecified 
# 
_audit_author.name           'Schmitz, M.' 
_audit_author.pdbx_ordinal   1 
# 
_citation.id                        primary 
_citation.title                     
;Change of RNase P RNA function by single base mutation correlates with perturbation of metal ion binding in P4 as determined by NMR spectroscopy
;
_citation.journal_abbrev            'Nucleic Acids Res.' 
_citation.journal_volume            32 
_citation.page_first                6358 
_citation.page_last                 6366 
_citation.year                      2004 
_citation.journal_id_ASTM           NARHAD 
_citation.country                   UK 
_citation.journal_id_ISSN           0305-1048 
_citation.journal_id_CSD            0389 
_citation.book_publisher            ? 
_citation.pdbx_database_id_PubMed   15576680 
_citation.pdbx_database_id_DOI      10.1093/nar/gkh961 
# 
_citation_author.citation_id        primary 
_citation_author.name               'Schmitz, M.' 
_citation_author.ordinal            1 
_citation_author.identifier_ORCID   ? 
# 
loop_
_entity.id 
_entity.type 
_entity.src_method 
_entity.pdbx_description 
_entity.formula_weight 
_entity.pdbx_number_of_molecules 
_entity.pdbx_ec 
_entity.pdbx_mutation 
_entity.pdbx_fragment 
_entity.details 
1 polymer     syn 'RNA (27-MER)'          8656.183 1 ? U69A ? ? 
2 non-polymer syn 'COBALT HEXAMMINE(III)' 161.116  1 ? ?    ? ? 
# 
_entity_name_com.entity_id   1 
_entity_name_com.name        'RNase P RNA P4 stem' 
# 
_entity_poly.entity_id                      1 
_entity_poly.type                           polyribonucleotide 
_entity_poly.nstd_linkage                   no 
_entity_poly.nstd_monomer                   no 
_entity_poly.pdbx_seq_one_letter_code       GGAAGACCGGUCUUCGGACCGGCUUCC 
_entity_poly.pdbx_seq_one_letter_code_can   GGAAGACCGGUCUUCGGACCGGCUUCC 
_entity_poly.pdbx_strand_id                 A 
_entity_poly.pdbx_target_identifier         ? 
# 
_pdbx_entity_nonpoly.entity_id   2 
_pdbx_entity_nonpoly.name        'COBALT HEXAMMINE(III)' 
_pdbx_entity_nonpoly.comp_id     NCO 
# 
loop_
_entity_poly_seq.entity_id 
_entity_poly_seq.num 
_entity_poly_seq.mon_id 
_entity_poly_seq.hetero 
1 1  G n 
1 2  G n 
1 3  A n 
1 4  A n 
1 5  G n 
1 6  A n 
1 7  C n 
1 8  C n 
1 9  G n 
1 10 G n 
1 11 U n 
1 12 C n 
1 13 U n 
1 14 U n 
1 15 C n 
1 16 G n 
1 17 G n 
1 18 A n 
1 19 C n 
1 20 C n 
1 21 G n 
1 22 G n 
1 23 C n 
1 24 U n 
1 25 U n 
1 26 C n 
1 27 C n 
# 
_pdbx_entity_src_syn.entity_id              1 
_pdbx_entity_src_syn.pdbx_src_id            1 
_pdbx_entity_src_syn.pdbx_alt_source_flag   sample 
_pdbx_entity_src_syn.pdbx_beg_seq_num       ? 
_pdbx_entity_src_syn.pdbx_end_seq_num       ? 
_pdbx_entity_src_syn.organism_scientific    ? 
_pdbx_entity_src_syn.organism_common_name   ? 
_pdbx_entity_src_syn.ncbi_taxonomy_id       ? 
_pdbx_entity_src_syn.details                'enzymatically synthesized from DNA oligonucleotide template ny T7 RNA polymerase' 
# 
loop_
_chem_comp.id 
_chem_comp.type 
_chem_comp.mon_nstd_flag 
_chem_comp.name 
_chem_comp.pdbx_synonyms 
_chem_comp.formula 
_chem_comp.formula_weight 
A   'RNA linking' y "ADENOSINE-5'-MONOPHOSPHATE" ? 'C10 H14 N5 O7 P' 347.221 
C   'RNA linking' y "CYTIDINE-5'-MONOPHOSPHATE"  ? 'C9 H14 N3 O8 P'  323.197 
G   'RNA linking' y "GUANOSINE-5'-MONOPHOSPHATE" ? 'C10 H14 N5 O8 P' 363.221 
NCO non-polymer   . 'COBALT HEXAMMINE(III)'      ? 'Co H18 N6 3'     161.116 
U   'RNA linking' y "URIDINE-5'-MONOPHOSPHATE"   ? 'C9 H13 N2 O9 P'  324.181 
# 
loop_
_pdbx_poly_seq_scheme.asym_id 
_pdbx_poly_seq_scheme.entity_id 
_pdbx_poly_seq_scheme.seq_id 
_pdbx_poly_seq_scheme.mon_id 
_pdbx_poly_seq_scheme.ndb_seq_num 
_pdbx_poly_seq_scheme.pdb_seq_num 
_pdbx_poly_seq_scheme.auth_seq_num 
_pdbx_poly_seq_scheme.pdb_mon_id 
_pdbx_poly_seq_scheme.auth_mon_id 
_pdbx_poly_seq_scheme.pdb_strand_id 
_pdbx_poly_seq_scheme.pdb_ins_code 
_pdbx_poly_seq_scheme.hetero 
A 1 1  G 1  1  1  G G A . n 
A 1 2  G 2  2  2  G G A . n 
A 1 3  A 3  3  3  A A A . n 
A 1 4  A 4  4  4  A A A . n 
A 1 5  G 5  5  5  G G A . n 
A 1 6  A 6  6  6  A A A . n 
A 1 7  C 7  7  7  C C A . n 
A 1 8  C 8  8  8  C C A . n 
A 1 9  G 9  9  9  G G A . n 
A 1 10 G 10 10 10 G G A . n 
A 1 11 U 11 11 11 U U A . n 
A 1 12 C 12 12 12 C C A . n 
A 1 13 U 13 13 13 U U A . n 
A 1 14 U 14 14 14 U U A . n 
A 1 15 C 15 15 15 C C A . n 
A 1 16 G 16 16 16 G G A . n 
A 1 17 G 17 17 17 G G A . n 
A 1 18 A 18 18 18 A A A . n 
A 1 19 C 19 19 19 C C A . n 
A 1 20 C 20 20 20 C C A . n 
A 1 21 G 21 21 21 G G A . n 
A 1 22 G 22 22 22 G G A . n 
A 1 23 C 23 23 23 C C A . n 
A 1 24 U 24 24 24 U U A . n 
A 1 25 U 25 25 25 U U A . n 
A 1 26 C 26 26 26 C C A . n 
A 1 27 C 27 27 27 C C A . n 
# 
_pdbx_nonpoly_scheme.asym_id         B 
_pdbx_nonpoly_scheme.entity_id       2 
_pdbx_nonpoly_scheme.mon_id          NCO 
_pdbx_nonpoly_scheme.ndb_seq_num     1 
_pdbx_nonpoly_scheme.pdb_seq_num     28 
_pdbx_nonpoly_scheme.auth_seq_num    28 
_pdbx_nonpoly_scheme.pdb_mon_id      NCO 
_pdbx_nonpoly_scheme.auth_mon_id     NCO 
_pdbx_nonpoly_scheme.pdb_strand_id   A 
_pdbx_nonpoly_scheme.pdb_ins_code    . 
# 
_exptl.entry_id          1XST 
_exptl.method            'SOLUTION NMR' 
_exptl.crystals_number   ? 
# 
_exptl_crystal.id                    1 
_exptl_crystal.density_meas          ? 
_exptl_crystal.density_Matthews      ? 
_exptl_crystal.density_percent_sol   ? 
_exptl_crystal.description           ? 
# 
_diffrn.id                     1 
_diffrn.ambient_temp           ? 
_diffrn.ambient_temp_details   ? 
_diffrn.crystal_id             1 
# 
_diffrn_radiation.diffrn_id                        1 
_diffrn_radiation.wavelength_id                    1 
_diffrn_radiation.pdbx_monochromatic_or_laue_m_l   M 
_diffrn_radiation.monochromator                    ? 
_diffrn_radiation.pdbx_diffrn_protocol             'SINGLE WAVELENGTH' 
_diffrn_radiation.pdbx_scattering_type             ? 
# 
_diffrn_radiation_wavelength.id           1 
_diffrn_radiation_wavelength.wavelength   . 
_diffrn_radiation_wavelength.wt           1.0 
# 
_struct.entry_id                  1XST 
_struct.title                     
'Solution structure of E.coli RNase P RNA P4 stem, U69A mutation, complexed with cobalt (III) hexammine.' 
_struct.pdbx_model_details        ? 
_struct.pdbx_CASP_flag            ? 
_struct.pdbx_model_type_details   'minimized average' 
# 
_struct_keywords.entry_id        1XST 
_struct_keywords.pdbx_keywords   RNA 
_struct_keywords.text            
;Ribonuclease P RNA, Ribozyme, transfer RNA processing, P4 stem, U69A mutant, metal binding site, metal complex, cobalt (III) hexammine complex, RNA
;
# 
loop_
_struct_asym.id 
_struct_asym.pdbx_blank_PDB_chainid_flag 
_struct_asym.pdbx_modified 
_struct_asym.entity_id 
_struct_asym.details 
A N N 1 ? 
B N N 2 ? 
# 
_struct_ref.id                         1 
_struct_ref.entity_id                  1 
_struct_ref.db_name                    PDB 
_struct_ref.db_code                    1XST 
_struct_ref.pdbx_db_accession          1XST 
_struct_ref.pdbx_db_isoform            ? 
_struct_ref.pdbx_seq_one_letter_code   ? 
_struct_ref.pdbx_align_begin           ? 
# 
_struct_ref_seq.align_id                      1 
_struct_ref_seq.ref_id                        1 
_struct_ref_seq.pdbx_PDB_id_code              1XST 
_struct_ref_seq.pdbx_strand_id                A 
_struct_ref_seq.seq_align_beg                 1 
_struct_ref_seq.pdbx_seq_align_beg_ins_code   ? 
_struct_ref_seq.seq_align_end                 27 
_struct_ref_seq.pdbx_seq_align_end_ins_code   ? 
_struct_ref_seq.pdbx_db_accession             1XST 
_struct_ref_seq.db_align_beg                  1 
_struct_ref_seq.pdbx_db_align_beg_ins_code    ? 
_struct_ref_seq.db_align_end                  27 
_struct_ref_seq.pdbx_db_align_end_ins_code    ? 
_struct_ref_seq.pdbx_auth_seq_align_beg       1 
_struct_ref_seq.pdbx_auth_seq_align_end       27 
# 
_pdbx_struct_assembly.id                   1 
_pdbx_struct_assembly.details              author_defined_assembly 
_pdbx_struct_assembly.method_details       ? 
_pdbx_struct_assembly.oligomeric_details   monomeric 
_pdbx_struct_assembly.oligomeric_count     1 
# 
_pdbx_struct_assembly_gen.assembly_id       1 
_pdbx_struct_assembly_gen.oper_expression   1 
_pdbx_struct_assembly_gen.asym_id_list      A,B 
# 
_pdbx_struct_oper_list.id                   1 
_pdbx_struct_oper_list.type                 'identity operation' 
_pdbx_struct_oper_list.name                 1_555 
_pdbx_struct_oper_list.symmetry_operation   x,y,z 
_pdbx_struct_oper_list.matrix[1][1]         1.0000000000 
_pdbx_struct_oper_list.matrix[1][2]         0.0000000000 
_pdbx_struct_oper_list.matrix[1][3]         0.0000000000 
_pdbx_struct_oper_list.vector[1]            0.0000000000 
_pdbx_struct_oper_list.matrix[2][1]         0.0000000000 
_pdbx_struct_oper_list.matrix[2][2]         1.0000000000 
_pdbx_struct_oper_list.matrix[2][3]         0.0000000000 
_pdbx_struct_oper_list.vector[2]            0.0000000000 
_pdbx_struct_oper_list.matrix[3][1]         0.0000000000 
_pdbx_struct_oper_list.matrix[3][2]         0.0000000000 
_pdbx_struct_oper_list.matrix[3][3]         1.0000000000 
_pdbx_struct_oper_list.vector[3]            0.0000000000 
# 
_struct_biol.id   1 
# 
loop_
_struct_conn.id 
_struct_conn.conn_type_id 
_struct_conn.pdbx_leaving_atom_flag 
_struct_conn.pdbx_PDB_id 
_struct_conn.ptnr1_label_asym_id 
_struct_conn.ptnr1_label_comp_id 
_struct_conn.ptnr1_label_seq_id 
_struct_conn.ptnr1_label_atom_id 
_struct_conn.pdbx_ptnr1_label_alt_id 
_struct_conn.pdbx_ptnr1_PDB_ins_code 
_struct_conn.pdbx_ptnr1_standard_comp_id 
_struct_conn.ptnr1_symmetry 
_struct_conn.ptnr2_label_asym_id 
_struct_conn.ptnr2_label_comp_id 
_struct_conn.ptnr2_label_seq_id 
_struct_conn.ptnr2_label_atom_id 
_struct_conn.pdbx_ptnr2_label_alt_id 
_struct_conn.pdbx_ptnr2_PDB_ins_code 
_struct_conn.ptnr1_auth_asym_id 
_struct_conn.ptnr1_auth_comp_id 
_struct_conn.ptnr1_auth_seq_id 
_struct_conn.ptnr2_auth_asym_id 
_struct_conn.ptnr2_auth_comp_id 
_struct_conn.ptnr2_auth_seq_id 
_struct_conn.ptnr2_symmetry 
_struct_conn.pdbx_ptnr3_label_atom_id 
_struct_conn.pdbx_ptnr3_label_seq_id 
_struct_conn.pdbx_ptnr3_label_comp_id 
_struct_conn.pdbx_ptnr3_label_asym_id 
_struct_conn.pdbx_ptnr3_label_alt_id 
_struct_conn.pdbx_ptnr3_PDB_ins_code 
_struct_conn.details 
_struct_conn.pdbx_dist_value 
_struct_conn.pdbx_value_order 
_struct_conn.pdbx_role 
hydrog1  hydrog ? ? A G 1  N1 ? ? ? 1_555 A C 27 N3 ? ? A G 1  A C 27 1_555 ? ? ? ? ? ? WATSON-CRICK  ? ? ? 
hydrog2  hydrog ? ? A G 1  N2 ? ? ? 1_555 A C 27 O2 ? ? A G 1  A C 27 1_555 ? ? ? ? ? ? WATSON-CRICK  ? ? ? 
hydrog3  hydrog ? ? A G 1  O6 ? ? ? 1_555 A C 27 N4 ? ? A G 1  A C 27 1_555 ? ? ? ? ? ? WATSON-CRICK  ? ? ? 
hydrog4  hydrog ? ? A G 2  N1 ? ? ? 1_555 A C 26 N3 ? ? A G 2  A C 26 1_555 ? ? ? ? ? ? WATSON-CRICK  ? ? ? 
hydrog5  hydrog ? ? A G 2  N2 ? ? ? 1_555 A C 26 O2 ? ? A G 2  A C 26 1_555 ? ? ? ? ? ? WATSON-CRICK  ? ? ? 
hydrog6  hydrog ? ? A G 2  O6 ? ? ? 1_555 A C 26 N4 ? ? A G 2  A C 26 1_555 ? ? ? ? ? ? WATSON-CRICK  ? ? ? 
hydrog7  hydrog ? ? A A 3  N1 ? ? ? 1_555 A U 25 N3 ? ? A A 3  A U 25 1_555 ? ? ? ? ? ? WATSON-CRICK  ? ? ? 
hydrog8  hydrog ? ? A A 3  N6 ? ? ? 1_555 A U 25 O4 ? ? A A 3  A U 25 1_555 ? ? ? ? ? ? WATSON-CRICK  ? ? ? 
hydrog9  hydrog ? ? A A 4  N1 ? ? ? 1_555 A U 24 N3 ? ? A A 4  A U 24 1_555 ? ? ? ? ? ? WATSON-CRICK  ? ? ? 
hydrog10 hydrog ? ? A A 4  N6 ? ? ? 1_555 A U 24 O4 ? ? A A 4  A U 24 1_555 ? ? ? ? ? ? WATSON-CRICK  ? ? ? 
hydrog11 hydrog ? ? A G 5  N2 ? ? ? 1_555 A A 6  N7 ? ? A G 5  A A 6  1_555 ? ? ? ? ? ? 'G-A MISPAIR' ? ? ? 
hydrog12 hydrog ? ? A G 5  N1 ? ? ? 1_555 A C 23 N3 ? ? A G 5  A C 23 1_555 ? ? ? ? ? ? WATSON-CRICK  ? ? ? 
hydrog13 hydrog ? ? A G 5  N2 ? ? ? 1_555 A C 23 O2 ? ? A G 5  A C 23 1_555 ? ? ? ? ? ? WATSON-CRICK  ? ? ? 
hydrog14 hydrog ? ? A G 5  O6 ? ? ? 1_555 A C 23 N4 ? ? A G 5  A C 23 1_555 ? ? ? ? ? ? WATSON-CRICK  ? ? ? 
hydrog15 hydrog ? ? A A 6  N6 ? ? ? 1_555 A C 23 O2 ? ? A A 6  A C 23 1_555 ? ? ? ? ? ? 'A-C MISPAIR' ? ? ? 
hydrog16 hydrog ? ? A C 7  N3 ? ? ? 1_555 A G 22 N1 ? ? A C 7  A G 22 1_555 ? ? ? ? ? ? WATSON-CRICK  ? ? ? 
hydrog17 hydrog ? ? A C 7  N4 ? ? ? 1_555 A G 22 O6 ? ? A C 7  A G 22 1_555 ? ? ? ? ? ? WATSON-CRICK  ? ? ? 
hydrog18 hydrog ? ? A C 7  O2 ? ? ? 1_555 A G 22 N2 ? ? A C 7  A G 22 1_555 ? ? ? ? ? ? WATSON-CRICK  ? ? ? 
hydrog19 hydrog ? ? A C 8  N3 ? ? ? 1_555 A G 21 N1 ? ? A C 8  A G 21 1_555 ? ? ? ? ? ? WATSON-CRICK  ? ? ? 
hydrog20 hydrog ? ? A C 8  N4 ? ? ? 1_555 A G 21 O6 ? ? A C 8  A G 21 1_555 ? ? ? ? ? ? WATSON-CRICK  ? ? ? 
hydrog21 hydrog ? ? A C 8  O2 ? ? ? 1_555 A G 21 N2 ? ? A C 8  A G 21 1_555 ? ? ? ? ? ? WATSON-CRICK  ? ? ? 
hydrog22 hydrog ? ? A G 9  N1 ? ? ? 1_555 A C 20 N3 ? ? A G 9  A C 20 1_555 ? ? ? ? ? ? WATSON-CRICK  ? ? ? 
hydrog23 hydrog ? ? A G 9  N2 ? ? ? 1_555 A C 20 O2 ? ? A G 9  A C 20 1_555 ? ? ? ? ? ? WATSON-CRICK  ? ? ? 
hydrog24 hydrog ? ? A G 9  O6 ? ? ? 1_555 A C 20 N4 ? ? A G 9  A C 20 1_555 ? ? ? ? ? ? WATSON-CRICK  ? ? ? 
hydrog25 hydrog ? ? A G 10 N1 ? ? ? 1_555 A C 19 N3 ? ? A G 10 A C 19 1_555 ? ? ? ? ? ? WATSON-CRICK  ? ? ? 
hydrog26 hydrog ? ? A G 10 N2 ? ? ? 1_555 A C 19 O2 ? ? A G 10 A C 19 1_555 ? ? ? ? ? ? WATSON-CRICK  ? ? ? 
hydrog27 hydrog ? ? A G 10 O6 ? ? ? 1_555 A C 19 N4 ? ? A G 10 A C 19 1_555 ? ? ? ? ? ? WATSON-CRICK  ? ? ? 
hydrog28 hydrog ? ? A U 11 N3 ? ? ? 1_555 A A 18 N1 ? ? A U 11 A A 18 1_555 ? ? ? ? ? ? WATSON-CRICK  ? ? ? 
hydrog29 hydrog ? ? A U 11 O4 ? ? ? 1_555 A A 18 N6 ? ? A U 11 A A 18 1_555 ? ? ? ? ? ? WATSON-CRICK  ? ? ? 
hydrog30 hydrog ? ? A C 12 N3 ? ? ? 1_555 A G 17 N1 ? ? A C 12 A G 17 1_555 ? ? ? ? ? ? WATSON-CRICK  ? ? ? 
hydrog31 hydrog ? ? A C 12 N4 ? ? ? 1_555 A G 17 O6 ? ? A C 12 A G 17 1_555 ? ? ? ? ? ? WATSON-CRICK  ? ? ? 
hydrog32 hydrog ? ? A C 12 O2 ? ? ? 1_555 A G 17 N2 ? ? A C 12 A G 17 1_555 ? ? ? ? ? ? WATSON-CRICK  ? ? ? 
hydrog33 hydrog ? ? A U 13 O2 ? ? ? 1_555 A G 16 N1 ? ? A U 13 A G 16 1_555 ? ? ? ? ? ? 'U-G MISPAIR' ? ? ? 
hydrog34 hydrog ? ? A U 13 O2 ? ? ? 1_555 A G 17 N1 ? ? A U 13 A G 17 1_555 ? ? ? ? ? ? 'U-G MISPAIR' ? ? ? 
# 
_struct_conn_type.id          hydrog 
_struct_conn_type.criteria    ? 
_struct_conn_type.reference   ? 
# 
_struct_site.id                   AC1 
_struct_site.pdbx_evidence_code   Software 
_struct_site.pdbx_auth_asym_id    A 
_struct_site.pdbx_auth_comp_id    NCO 
_struct_site.pdbx_auth_seq_id     28 
_struct_site.pdbx_auth_ins_code   ? 
_struct_site.pdbx_num_residues    3 
_struct_site.details              'BINDING SITE FOR RESIDUE NCO A 28' 
# 
loop_
_struct_site_gen.id 
_struct_site_gen.site_id 
_struct_site_gen.pdbx_num_res 
_struct_site_gen.label_comp_id 
_struct_site_gen.label_asym_id 
_struct_site_gen.label_seq_id 
_struct_site_gen.pdbx_auth_ins_code 
_struct_site_gen.auth_comp_id 
_struct_site_gen.auth_asym_id 
_struct_site_gen.auth_seq_id 
_struct_site_gen.label_atom_id 
_struct_site_gen.label_alt_id 
_struct_site_gen.symmetry 
_struct_site_gen.details 
1 AC1 3 G A 9  ? G A 9  . ? 1_555 ? 
2 AC1 3 C A 20 ? C A 20 . ? 1_555 ? 
3 AC1 3 G A 21 ? G A 21 . ? 1_555 ? 
# 
_pdbx_nmr_ensemble.entry_id                             1XST 
_pdbx_nmr_ensemble.conformers_calculated_total_number   ? 
_pdbx_nmr_ensemble.conformers_submitted_total_number    1 
_pdbx_nmr_ensemble.conformer_selection_criteria         ? 
# 
_pdbx_nmr_representative.entry_id             1XST 
_pdbx_nmr_representative.conformer_id         1 
_pdbx_nmr_representative.selection_criteria   'minimized average structure' 
# 
loop_
_pdbx_nmr_sample_details.solution_id 
_pdbx_nmr_sample_details.contents 
_pdbx_nmr_sample_details.solvent_system 
1 '2mM P4 U69A RNA; 100mM NaCl; 10mM phosphate buffer; 90% H2O, 10% D2O'                                '90% H2O/10% D2O' 
2 '2mM P4 U69A RNA; 100mM NaCl; 10mM phosphate buffer; 100% D2O'                                        '100% D2O'        
3 '2mM P4 U69A RNA; 100mM NaCl; 6mM hexammine cobalt chloride; 10mM phosphate buffer; 90% H2O, 10% D2O' '90% H2O/10% D2O' 
# 
loop_
_pdbx_nmr_exptl_sample_conditions.conditions_id 
_pdbx_nmr_exptl_sample_conditions.temperature 
_pdbx_nmr_exptl_sample_conditions.pressure 
_pdbx_nmr_exptl_sample_conditions.pH 
_pdbx_nmr_exptl_sample_conditions.ionic_strength 
_pdbx_nmr_exptl_sample_conditions.pressure_units 
_pdbx_nmr_exptl_sample_conditions.temperature_units 
1 288 ambient 6.4 '100 mM NaCl'                  ? K 
2 288 ambient 6.4 '100 mM NaCl, 6 mM Co(NH3)6Cl' ? K 
# 
loop_
_pdbx_nmr_exptl.experiment_id 
_pdbx_nmr_exptl.solution_id 
_pdbx_nmr_exptl.conditions_id 
_pdbx_nmr_exptl.type 
1 1 1 '2D NOESY'                
2 2 1 '2D NOESY'                
3 3 2 '2D NOESY'                
4 2 1 DQF-COSY                  
5 2 1 31P-1H-Hetero-COSY        
6 2 1 31P-1H-Hetero-TOCSY-NOESY 
# 
_pdbx_nmr_details.entry_id   1XST 
_pdbx_nmr_details.text       
;The structure was determined using standard 2D homonuclear techniques as well as 13C and 31P heteronuclear experiments performed at natural abundance. Intermolecular NOE crosspeaks between RNA protons and cobalt (III) hexammine protons and intermolecular distance constraints derived thereof were used to determine the site of cobalt (III) hexammine binding.
;
# 
_pdbx_nmr_refine.entry_id           1XST 
_pdbx_nmr_refine.method             'restrained molecular dynamics and simulated annealing' 
_pdbx_nmr_refine.details            
;The average structure is based on the superposition of 14 structures after refinement. The average RMS deviation between the ensemble and the average structure is 1.85 Angstrom. A total of 290 NOE-derived distance constraints, 245 dihedral constraints and 48 distance constraints from hydrogen bonds were used in refinement. 15 NOE derived intermolecular distance constraints were used to localize the bound cobalt (III) hexammine.
;
_pdbx_nmr_refine.software_ordinal   1 
# 
loop_
_pdbx_nmr_software.name 
_pdbx_nmr_software.version 
_pdbx_nmr_software.classification 
_pdbx_nmr_software.authors 
_pdbx_nmr_software.ordinal 
XwinNMR 1.2 collection           Bruker        1 
NMRPipe 2.1 processing           'F. Delaglio' 2 
X-PLOR  3.1 'structure solution' 'A. Bruenger' 3 
X-PLOR  3.1 refinement           'A. Bruenger' 4 
# 
loop_
_chem_comp_atom.comp_id 
_chem_comp_atom.atom_id 
_chem_comp_atom.type_symbol 
_chem_comp_atom.pdbx_aromatic_flag 
_chem_comp_atom.pdbx_stereo_config 
_chem_comp_atom.pdbx_ordinal 
A   OP3    O  N N 1   
A   P      P  N N 2   
A   OP1    O  N N 3   
A   OP2    O  N N 4   
A   "O5'"  O  N N 5   
A   "C5'"  C  N N 6   
A   "C4'"  C  N R 7   
A   "O4'"  O  N N 8   
A   "C3'"  C  N S 9   
A   "O3'"  O  N N 10  
A   "C2'"  C  N R 11  
A   "O2'"  O  N N 12  
A   "C1'"  C  N R 13  
A   N9     N  Y N 14  
A   C8     C  Y N 15  
A   N7     N  Y N 16  
A   C5     C  Y N 17  
A   C6     C  Y N 18  
A   N6     N  N N 19  
A   N1     N  Y N 20  
A   C2     C  Y N 21  
A   N3     N  Y N 22  
A   C4     C  Y N 23  
A   HOP3   H  N N 24  
A   HOP2   H  N N 25  
A   "H5'"  H  N N 26  
A   "H5''" H  N N 27  
A   "H4'"  H  N N 28  
A   "H3'"  H  N N 29  
A   "HO3'" H  N N 30  
A   "H2'"  H  N N 31  
A   "HO2'" H  N N 32  
A   "H1'"  H  N N 33  
A   H8     H  N N 34  
A   H61    H  N N 35  
A   H62    H  N N 36  
A   H2     H  N N 37  
C   OP3    O  N N 38  
C   P      P  N N 39  
C   OP1    O  N N 40  
C   OP2    O  N N 41  
C   "O5'"  O  N N 42  
C   "C5'"  C  N N 43  
C   "C4'"  C  N R 44  
C   "O4'"  O  N N 45  
C   "C3'"  C  N S 46  
C   "O3'"  O  N N 47  
C   "C2'"  C  N R 48  
C   "O2'"  O  N N 49  
C   "C1'"  C  N R 50  
C   N1     N  N N 51  
C   C2     C  N N 52  
C   O2     O  N N 53  
C   N3     N  N N 54  
C   C4     C  N N 55  
C   N4     N  N N 56  
C   C5     C  N N 57  
C   C6     C  N N 58  
C   HOP3   H  N N 59  
C   HOP2   H  N N 60  
C   "H5'"  H  N N 61  
C   "H5''" H  N N 62  
C   "H4'"  H  N N 63  
C   "H3'"  H  N N 64  
C   "HO3'" H  N N 65  
C   "H2'"  H  N N 66  
C   "HO2'" H  N N 67  
C   "H1'"  H  N N 68  
C   H41    H  N N 69  
C   H42    H  N N 70  
C   H5     H  N N 71  
C   H6     H  N N 72  
G   OP3    O  N N 73  
G   P      P  N N 74  
G   OP1    O  N N 75  
G   OP2    O  N N 76  
G   "O5'"  O  N N 77  
G   "C5'"  C  N N 78  
G   "C4'"  C  N R 79  
G   "O4'"  O  N N 80  
G   "C3'"  C  N S 81  
G   "O3'"  O  N N 82  
G   "C2'"  C  N R 83  
G   "O2'"  O  N N 84  
G   "C1'"  C  N R 85  
G   N9     N  Y N 86  
G   C8     C  Y N 87  
G   N7     N  Y N 88  
G   C5     C  Y N 89  
G   C6     C  N N 90  
G   O6     O  N N 91  
G   N1     N  N N 92  
G   C2     C  N N 93  
G   N2     N  N N 94  
G   N3     N  N N 95  
G   C4     C  Y N 96  
G   HOP3   H  N N 97  
G   HOP2   H  N N 98  
G   "H5'"  H  N N 99  
G   "H5''" H  N N 100 
G   "H4'"  H  N N 101 
G   "H3'"  H  N N 102 
G   "HO3'" H  N N 103 
G   "H2'"  H  N N 104 
G   "HO2'" H  N N 105 
G   "H1'"  H  N N 106 
G   H8     H  N N 107 
G   H1     H  N N 108 
G   H21    H  N N 109 
G   H22    H  N N 110 
NCO CO     CO N N 111 
NCO N1     N  N N 112 
NCO N2     N  N N 113 
NCO N3     N  N N 114 
NCO N4     N  N N 115 
NCO N5     N  N N 116 
NCO N6     N  N N 117 
NCO HN11   H  N N 118 
NCO HN12   H  N N 119 
NCO HN13   H  N N 120 
NCO HN21   H  N N 121 
NCO HN22   H  N N 122 
NCO HN23   H  N N 123 
NCO HN31   H  N N 124 
NCO HN32   H  N N 125 
NCO HN33   H  N N 126 
NCO HN41   H  N N 127 
NCO HN42   H  N N 128 
NCO HN43   H  N N 129 
NCO HN51   H  N N 130 
NCO HN52   H  N N 131 
NCO HN53   H  N N 132 
NCO HN61   H  N N 133 
NCO HN62   H  N N 134 
NCO HN63   H  N N 135 
U   OP3    O  N N 136 
U   P      P  N N 137 
U   OP1    O  N N 138 
U   OP2    O  N N 139 
U   "O5'"  O  N N 140 
U   "C5'"  C  N N 141 
U   "C4'"  C  N R 142 
U   "O4'"  O  N N 143 
U   "C3'"  C  N S 144 
U   "O3'"  O  N N 145 
U   "C2'"  C  N R 146 
U   "O2'"  O  N N 147 
U   "C1'"  C  N R 148 
U   N1     N  N N 149 
U   C2     C  N N 150 
U   O2     O  N N 151 
U   N3     N  N N 152 
U   C4     C  N N 153 
U   O4     O  N N 154 
U   C5     C  N N 155 
U   C6     C  N N 156 
U   HOP3   H  N N 157 
U   HOP2   H  N N 158 
U   "H5'"  H  N N 159 
U   "H5''" H  N N 160 
U   "H4'"  H  N N 161 
U   "H3'"  H  N N 162 
U   "HO3'" H  N N 163 
U   "H2'"  H  N N 164 
U   "HO2'" H  N N 165 
U   "H1'"  H  N N 166 
U   H3     H  N N 167 
U   H5     H  N N 168 
U   H6     H  N N 169 
# 
loop_
_chem_comp_bond.comp_id 
_chem_comp_bond.atom_id_1 
_chem_comp_bond.atom_id_2 
_chem_comp_bond.value_order 
_chem_comp_bond.pdbx_aromatic_flag 
_chem_comp_bond.pdbx_stereo_config 
_chem_comp_bond.pdbx_ordinal 
A   OP3   P      sing N N 1   
A   OP3   HOP3   sing N N 2   
A   P     OP1    doub N N 3   
A   P     OP2    sing N N 4   
A   P     "O5'"  sing N N 5   
A   OP2   HOP2   sing N N 6   
A   "O5'" "C5'"  sing N N 7   
A   "C5'" "C4'"  sing N N 8   
A   "C5'" "H5'"  sing N N 9   
A   "C5'" "H5''" sing N N 10  
A   "C4'" "O4'"  sing N N 11  
A   "C4'" "C3'"  sing N N 12  
A   "C4'" "H4'"  sing N N 13  
A   "O4'" "C1'"  sing N N 14  
A   "C3'" "O3'"  sing N N 15  
A   "C3'" "C2'"  sing N N 16  
A   "C3'" "H3'"  sing N N 17  
A   "O3'" "HO3'" sing N N 18  
A   "C2'" "O2'"  sing N N 19  
A   "C2'" "C1'"  sing N N 20  
A   "C2'" "H2'"  sing N N 21  
A   "O2'" "HO2'" sing N N 22  
A   "C1'" N9     sing N N 23  
A   "C1'" "H1'"  sing N N 24  
A   N9    C8     sing Y N 25  
A   N9    C4     sing Y N 26  
A   C8    N7     doub Y N 27  
A   C8    H8     sing N N 28  
A   N7    C5     sing Y N 29  
A   C5    C6     sing Y N 30  
A   C5    C4     doub Y N 31  
A   C6    N6     sing N N 32  
A   C6    N1     doub Y N 33  
A   N6    H61    sing N N 34  
A   N6    H62    sing N N 35  
A   N1    C2     sing Y N 36  
A   C2    N3     doub Y N 37  
A   C2    H2     sing N N 38  
A   N3    C4     sing Y N 39  
C   OP3   P      sing N N 40  
C   OP3   HOP3   sing N N 41  
C   P     OP1    doub N N 42  
C   P     OP2    sing N N 43  
C   P     "O5'"  sing N N 44  
C   OP2   HOP2   sing N N 45  
C   "O5'" "C5'"  sing N N 46  
C   "C5'" "C4'"  sing N N 47  
C   "C5'" "H5'"  sing N N 48  
C   "C5'" "H5''" sing N N 49  
C   "C4'" "O4'"  sing N N 50  
C   "C4'" "C3'"  sing N N 51  
C   "C4'" "H4'"  sing N N 52  
C   "O4'" "C1'"  sing N N 53  
C   "C3'" "O3'"  sing N N 54  
C   "C3'" "C2'"  sing N N 55  
C   "C3'" "H3'"  sing N N 56  
C   "O3'" "HO3'" sing N N 57  
C   "C2'" "O2'"  sing N N 58  
C   "C2'" "C1'"  sing N N 59  
C   "C2'" "H2'"  sing N N 60  
C   "O2'" "HO2'" sing N N 61  
C   "C1'" N1     sing N N 62  
C   "C1'" "H1'"  sing N N 63  
C   N1    C2     sing N N 64  
C   N1    C6     sing N N 65  
C   C2    O2     doub N N 66  
C   C2    N3     sing N N 67  
C   N3    C4     doub N N 68  
C   C4    N4     sing N N 69  
C   C4    C5     sing N N 70  
C   N4    H41    sing N N 71  
C   N4    H42    sing N N 72  
C   C5    C6     doub N N 73  
C   C5    H5     sing N N 74  
C   C6    H6     sing N N 75  
G   OP3   P      sing N N 76  
G   OP3   HOP3   sing N N 77  
G   P     OP1    doub N N 78  
G   P     OP2    sing N N 79  
G   P     "O5'"  sing N N 80  
G   OP2   HOP2   sing N N 81  
G   "O5'" "C5'"  sing N N 82  
G   "C5'" "C4'"  sing N N 83  
G   "C5'" "H5'"  sing N N 84  
G   "C5'" "H5''" sing N N 85  
G   "C4'" "O4'"  sing N N 86  
G   "C4'" "C3'"  sing N N 87  
G   "C4'" "H4'"  sing N N 88  
G   "O4'" "C1'"  sing N N 89  
G   "C3'" "O3'"  sing N N 90  
G   "C3'" "C2'"  sing N N 91  
G   "C3'" "H3'"  sing N N 92  
G   "O3'" "HO3'" sing N N 93  
G   "C2'" "O2'"  sing N N 94  
G   "C2'" "C1'"  sing N N 95  
G   "C2'" "H2'"  sing N N 96  
G   "O2'" "HO2'" sing N N 97  
G   "C1'" N9     sing N N 98  
G   "C1'" "H1'"  sing N N 99  
G   N9    C8     sing Y N 100 
G   N9    C4     sing Y N 101 
G   C8    N7     doub Y N 102 
G   C8    H8     sing N N 103 
G   N7    C5     sing Y N 104 
G   C5    C6     sing N N 105 
G   C5    C4     doub Y N 106 
G   C6    O6     doub N N 107 
G   C6    N1     sing N N 108 
G   N1    C2     sing N N 109 
G   N1    H1     sing N N 110 
G   C2    N2     sing N N 111 
G   C2    N3     doub N N 112 
G   N2    H21    sing N N 113 
G   N2    H22    sing N N 114 
G   N3    C4     sing N N 115 
NCO CO    N1     sing N N 116 
NCO CO    N2     sing N N 117 
NCO CO    N3     sing N N 118 
NCO CO    N4     sing N N 119 
NCO CO    N5     sing N N 120 
NCO CO    N6     sing N N 121 
NCO N1    HN11   sing N N 122 
NCO N1    HN12   sing N N 123 
NCO N1    HN13   sing N N 124 
NCO N2    HN21   sing N N 125 
NCO N2    HN22   sing N N 126 
NCO N2    HN23   sing N N 127 
NCO N3    HN31   sing N N 128 
NCO N3    HN32   sing N N 129 
NCO N3    HN33   sing N N 130 
NCO N4    HN41   sing N N 131 
NCO N4    HN42   sing N N 132 
NCO N4    HN43   sing N N 133 
NCO N5    HN51   sing N N 134 
NCO N5    HN52   sing N N 135 
NCO N5    HN53   sing N N 136 
NCO N6    HN61   sing N N 137 
NCO N6    HN62   sing N N 138 
NCO N6    HN63   sing N N 139 
U   OP3   P      sing N N 140 
U   OP3   HOP3   sing N N 141 
U   P     OP1    doub N N 142 
U   P     OP2    sing N N 143 
U   P     "O5'"  sing N N 144 
U   OP2   HOP2   sing N N 145 
U   "O5'" "C5'"  sing N N 146 
U   "C5'" "C4'"  sing N N 147 
U   "C5'" "H5'"  sing N N 148 
U   "C5'" "H5''" sing N N 149 
U   "C4'" "O4'"  sing N N 150 
U   "C4'" "C3'"  sing N N 151 
U   "C4'" "H4'"  sing N N 152 
U   "O4'" "C1'"  sing N N 153 
U   "C3'" "O3'"  sing N N 154 
U   "C3'" "C2'"  sing N N 155 
U   "C3'" "H3'"  sing N N 156 
U   "O3'" "HO3'" sing N N 157 
U   "C2'" "O2'"  sing N N 158 
U   "C2'" "C1'"  sing N N 159 
U   "C2'" "H2'"  sing N N 160 
U   "O2'" "HO2'" sing N N 161 
U   "C1'" N1     sing N N 162 
U   "C1'" "H1'"  sing N N 163 
U   N1    C2     sing N N 164 
U   N1    C6     sing N N 165 
U   C2    O2     doub N N 166 
U   C2    N3     sing N N 167 
U   N3    C4     sing N N 168 
U   N3    H3     sing N N 169 
U   C4    O4     doub N N 170 
U   C4    C5     sing N N 171 
U   C5    C6     doub N N 172 
U   C5    H5     sing N N 173 
U   C6    H6     sing N N 174 
# 
loop_
_ndb_struct_conf_na.entry_id 
_ndb_struct_conf_na.feature 
1XST 'double helix'        
1XST 'a-form double helix' 
1XST 'quadruple helix'     
# 
loop_
_ndb_struct_na_base_pair.model_number 
_ndb_struct_na_base_pair.i_label_asym_id 
_ndb_struct_na_base_pair.i_label_comp_id 
_ndb_struct_na_base_pair.i_label_seq_id 
_ndb_struct_na_base_pair.i_symmetry 
_ndb_struct_na_base_pair.j_label_asym_id 
_ndb_struct_na_base_pair.j_label_comp_id 
_ndb_struct_na_base_pair.j_label_seq_id 
_ndb_struct_na_base_pair.j_symmetry 
_ndb_struct_na_base_pair.shear 
_ndb_struct_na_base_pair.stretch 
_ndb_struct_na_base_pair.stagger 
_ndb_struct_na_base_pair.buckle 
_ndb_struct_na_base_pair.propeller 
_ndb_struct_na_base_pair.opening 
_ndb_struct_na_base_pair.pair_number 
_ndb_struct_na_base_pair.pair_name 
_ndb_struct_na_base_pair.i_auth_asym_id 
_ndb_struct_na_base_pair.i_auth_seq_id 
_ndb_struct_na_base_pair.i_PDB_ins_code 
_ndb_struct_na_base_pair.j_auth_asym_id 
_ndb_struct_na_base_pair.j_auth_seq_id 
_ndb_struct_na_base_pair.j_PDB_ins_code 
_ndb_struct_na_base_pair.hbond_type_28 
_ndb_struct_na_base_pair.hbond_type_12 
1 A G 1  1_555 A C 27 1_555 -0.342 -0.484 -0.555 23.335  0.816   -0.768  1  A_G1:C27_A  A 1  ? A 27 ? 19 1 
1 A G 2  1_555 A C 26 1_555 -0.302 -0.359 -0.675 10.569  -3.500  2.279   2  A_G2:C26_A  A 2  ? A 26 ? 19 1 
1 A A 3  1_555 A U 25 1_555 0.059  -0.226 -0.005 7.606   -25.284 -8.627  3  A_A3:U25_A  A 3  ? A 25 ? 20 1 
1 A A 4  1_555 A U 24 1_555 0.242  -0.090 -0.784 -9.299  -15.951 0.099   4  A_A4:U24_A  A 4  ? A 24 ? 20 1 
1 A G 5  1_555 A C 23 1_555 -0.329 -0.337 -0.826 -3.983  -7.527  0.819   5  A_G5:C23_A  A 5  ? A 23 ? 19 1 
1 A C 7  1_555 A G 22 1_555 0.066  -0.304 -0.605 10.645  16.778  -6.861  6  A_C7:G22_A  A 7  ? A 22 ? 19 1 
1 A C 8  1_555 A G 21 1_555 0.010  -0.359 -0.810 12.944  9.782   -11.129 7  A_C8:G21_A  A 8  ? A 21 ? 19 1 
1 A G 9  1_555 A C 20 1_555 0.179  -0.425 -1.233 -13.134 3.860   -11.739 8  A_G9:C20_A  A 9  ? A 20 ? 19 1 
1 A G 10 1_555 A C 19 1_555 -0.235 -0.418 0.630  -18.404 6.265   6.918   9  A_G10:C19_A A 10 ? A 19 ? 19 1 
1 A U 11 1_555 A A 18 1_555 -0.381 -0.245 -0.756 -12.933 0.290   -12.326 10 A_U11:A18_A A 11 ? A 18 ? 20 1 
1 A C 12 1_555 A G 17 1_555 0.273  -0.501 -0.998 -3.207  -2.263  -1.161  11 A_C12:G17_A A 12 ? A 17 ? 19 1 
1 A U 13 1_555 A G 16 1_555 1.301  -5.523 0.068  4.668   -18.953 -87.979 12 A_U13:G16_A A 13 ? A 16 ? ?  2 
# 
loop_
_ndb_struct_na_base_pair_step.model_number 
_ndb_struct_na_base_pair_step.i_label_asym_id_1 
_ndb_struct_na_base_pair_step.i_label_comp_id_1 
_ndb_struct_na_base_pair_step.i_label_seq_id_1 
_ndb_struct_na_base_pair_step.i_symmetry_1 
_ndb_struct_na_base_pair_step.j_label_asym_id_1 
_ndb_struct_na_base_pair_step.j_label_comp_id_1 
_ndb_struct_na_base_pair_step.j_label_seq_id_1 
_ndb_struct_na_base_pair_step.j_symmetry_1 
_ndb_struct_na_base_pair_step.i_label_asym_id_2 
_ndb_struct_na_base_pair_step.i_label_comp_id_2 
_ndb_struct_na_base_pair_step.i_label_seq_id_2 
_ndb_struct_na_base_pair_step.i_symmetry_2 
_ndb_struct_na_base_pair_step.j_label_asym_id_2 
_ndb_struct_na_base_pair_step.j_label_comp_id_2 
_ndb_struct_na_base_pair_step.j_label_seq_id_2 
_ndb_struct_na_base_pair_step.j_symmetry_2 
_ndb_struct_na_base_pair_step.shift 
_ndb_struct_na_base_pair_step.slide 
_ndb_struct_na_base_pair_step.rise 
_ndb_struct_na_base_pair_step.tilt 
_ndb_struct_na_base_pair_step.roll 
_ndb_struct_na_base_pair_step.twist 
_ndb_struct_na_base_pair_step.x_displacement 
_ndb_struct_na_base_pair_step.y_displacement 
_ndb_struct_na_base_pair_step.helical_rise 
_ndb_struct_na_base_pair_step.inclination 
_ndb_struct_na_base_pair_step.tip 
_ndb_struct_na_base_pair_step.helical_twist 
_ndb_struct_na_base_pair_step.step_number 
_ndb_struct_na_base_pair_step.step_name 
_ndb_struct_na_base_pair_step.i_auth_asym_id_1 
_ndb_struct_na_base_pair_step.i_auth_seq_id_1 
_ndb_struct_na_base_pair_step.i_PDB_ins_code_1 
_ndb_struct_na_base_pair_step.j_auth_asym_id_1 
_ndb_struct_na_base_pair_step.j_auth_seq_id_1 
_ndb_struct_na_base_pair_step.j_PDB_ins_code_1 
_ndb_struct_na_base_pair_step.i_auth_asym_id_2 
_ndb_struct_na_base_pair_step.i_auth_seq_id_2 
_ndb_struct_na_base_pair_step.i_PDB_ins_code_2 
_ndb_struct_na_base_pair_step.j_auth_asym_id_2 
_ndb_struct_na_base_pair_step.j_auth_seq_id_2 
_ndb_struct_na_base_pair_step.j_PDB_ins_code_2 
1 A G 1  1_555 A C 27 1_555 A G 2  1_555 A C 26 1_555 0.472  -0.989 4.594 -0.736  14.363  26.969 -5.697 -1.092 3.605 28.380  1.455 
30.501  1  AA_G1G2:C26C27_AA   A 1  ? A 27 ? A 2  ? A 26 ? 
1 A G 2  1_555 A C 26 1_555 A A 3  1_555 A U 25 1_555 -0.648 -0.987 4.144 -1.375  -2.085  32.693 -1.290 0.845  4.220 -3.697  2.438 
32.785  2  AA_G2A3:U25C26_AA   A 2  ? A 26 ? A 3  ? A 25 ? 
1 A A 3  1_555 A U 25 1_555 A A 4  1_555 A U 24 1_555 0.522  -0.603 4.634 2.529   -2.160  35.847 -0.537 -0.331 4.686 -3.500  
-4.099  35.996  3  AA_A3A4:U24U25_AA   A 3  ? A 25 ? A 4  ? A 24 ? 
1 A A 4  1_555 A U 24 1_555 A G 5  1_555 A C 23 1_555 0.290  -1.476 3.514 -1.496  3.837   27.016 -4.117 -1.002 3.256 8.153   3.178 
27.322  4  AA_A4G5:C23U24_AA   A 4  ? A 24 ? A 5  ? A 23 ? 
1 A G 5  1_555 A C 23 1_555 A C 7  1_555 A G 22 1_555 -1.678 -0.693 3.176 1.424   46.112  39.411 -2.795 1.744  1.593 51.604  
-1.594  59.967  5  AA_G5C7:G22C23_AA   A 5  ? A 23 ? A 7  ? A 22 ? 
1 A C 7  1_555 A G 22 1_555 A C 8  1_555 A G 21 1_555 -1.103 -1.728 3.855 1.435   14.950  33.986 -4.862 1.941  2.827 24.166  
-2.319  37.067  6  AA_C7C8:G21G22_AA   A 7  ? A 22 ? A 8  ? A 21 ? 
1 A C 8  1_555 A G 21 1_555 A G 9  1_555 A C 20 1_555 0.060  -1.857 5.488 2.288   -0.175  25.735 -4.073 0.937  5.484 -0.392  
-5.124  25.835  7  AA_C8G9:C20G21_AA   A 8  ? A 21 ? A 9  ? A 20 ? 
1 A G 9  1_555 A C 20 1_555 A G 10 1_555 A C 19 1_555 1.940  -1.840 3.806 -13.150 3.180   29.843 -3.828 -5.760 2.543 5.814   
24.040  32.703  8  AA_G9G10:C19C20_AA  A 9  ? A 20 ? A 10 ? A 19 ? 
1 A G 10 1_555 A C 19 1_555 A U 11 1_555 A A 18 1_555 -2.846 -1.242 3.847 7.561   -12.113 29.146 0.230  6.636  3.275 -22.451 
-14.014 32.387  9  AA_G10U11:A18C19_AA A 10 ? A 19 ? A 11 ? A 18 ? 
1 A U 11 1_555 A A 18 1_555 A C 12 1_555 A G 17 1_555 0.786  -1.110 3.442 0.337   17.189  33.313 -3.952 -1.183 2.590 27.802  
-0.545  37.376  10 AA_U11C12:G17A18_AA A 11 ? A 18 ? A 12 ? A 17 ? 
1 A C 12 1_555 A G 17 1_555 A U 13 1_555 A G 16 1_555 1.401  -0.304 2.890 3.281   12.481  99.825 -0.369 -0.866 2.882 8.133   
-2.138  100.435 11 AA_C12U13:G16G17_AA A 12 ? A 17 ? A 13 ? A 16 ? 
# 
_pdbx_nmr_spectrometer.spectrometer_id   1 
_pdbx_nmr_spectrometer.type              ? 
_pdbx_nmr_spectrometer.manufacturer      Bruker 
_pdbx_nmr_spectrometer.model             DMX 
_pdbx_nmr_spectrometer.field_strength    600 
# 
_atom_sites.entry_id                    1XST 
_atom_sites.fract_transf_matrix[1][1]   1.000000 
_atom_sites.fract_transf_matrix[1][2]   0.000000 
_atom_sites.fract_transf_matrix[1][3]   0.000000 
_atom_sites.fract_transf_matrix[2][1]   0.000000 
_atom_sites.fract_transf_matrix[2][2]   1.000000 
_atom_sites.fract_transf_matrix[2][3]   0.000000 
_atom_sites.fract_transf_matrix[3][1]   0.000000 
_atom_sites.fract_transf_matrix[3][2]   0.000000 
_atom_sites.fract_transf_matrix[3][3]   1.000000 
_atom_sites.fract_transf_vector[1]      0.00000 
_atom_sites.fract_transf_vector[2]      0.00000 
_atom_sites.fract_transf_vector[3]      0.00000 
# 
loop_
_atom_type.symbol 
C  
CO 
H  
N  
O  
P  
# 
loop_
_atom_site.group_PDB 
_atom_site.id 
_atom_site.type_symbol 
_atom_site.label_atom_id 
_atom_site.label_alt_id 
_atom_site.label_comp_id 
_atom_site.label_asym_id 
_atom_site.label_entity_id 
_atom_site.label_seq_id 
_atom_site.pdbx_PDB_ins_code 
_atom_site.Cartn_x 
_atom_site.Cartn_y 
_atom_site.Cartn_z 
_atom_site.occupancy 
_atom_site.B_iso_or_equiv 
_atom_site.pdbx_formal_charge 
_atom_site.auth_seq_id 
_atom_site.auth_comp_id 
_atom_site.auth_asym_id 
_atom_site.auth_atom_id 
_atom_site.pdbx_PDB_model_num 
ATOM   1   O  "O5'"  . G   A 1 1  ? -14.131 5.310   11.708  1.00 0.00 ? 1  G   A "O5'"  1 
ATOM   2   C  "C5'"  . G   A 1 1  ? -14.176 6.544   10.988  1.00 0.00 ? 1  G   A "C5'"  1 
ATOM   3   C  "C4'"  . G   A 1 1  ? -12.888 7.343   11.159  1.00 0.00 ? 1  G   A "C4'"  1 
ATOM   4   O  "O4'"  . G   A 1 1  ? -12.636 7.537   12.556  1.00 0.00 ? 1  G   A "O4'"  1 
ATOM   5   C  "C3'"  . G   A 1 1  ? -11.637 6.650   10.647  1.00 0.00 ? 1  G   A "C3'"  1 
ATOM   6   O  "O3'"  . G   A 1 1  ? -11.424 7.094   9.305   1.00 0.00 ? 1  G   A "O3'"  1 
ATOM   7   C  "C2'"  . G   A 1 1  ? -10.537 7.257   11.501  1.00 0.00 ? 1  G   A "C2'"  1 
ATOM   8   O  "O2'"  . G   A 1 1  ? -10.149 8.534   10.989  1.00 0.00 ? 1  G   A "O2'"  1 
ATOM   9   C  "C1'"  . G   A 1 1  ? -11.236 7.410   12.848  1.00 0.00 ? 1  G   A "C1'"  1 
ATOM   10  N  N9     . G   A 1 1  ? -11.039 6.235   13.717  1.00 0.00 ? 1  G   A N9     1 
ATOM   11  C  C8     . G   A 1 1  ? -11.595 4.986   13.607  1.00 0.00 ? 1  G   A C8     1 
ATOM   12  N  N7     . G   A 1 1  ? -11.217 4.160   14.542  1.00 0.00 ? 1  G   A N7     1 
ATOM   13  C  C5     . G   A 1 1  ? -10.351 4.913   15.327  1.00 0.00 ? 1  G   A C5     1 
ATOM   14  C  C6     . G   A 1 1  ? -9.628  4.546   16.494  1.00 0.00 ? 1  G   A C6     1 
ATOM   15  O  O6     . G   A 1 1  ? -9.611  3.462   17.073  1.00 0.00 ? 1  G   A O6     1 
ATOM   16  N  N1     . G   A 1 1  ? -8.870  5.601   16.978  1.00 0.00 ? 1  G   A N1     1 
ATOM   17  C  C2     . G   A 1 1  ? -8.811  6.855   16.414  1.00 0.00 ? 1  G   A C2     1 
ATOM   18  N  N2     . G   A 1 1  ? -8.030  7.753   17.014  1.00 0.00 ? 1  G   A N2     1 
ATOM   19  N  N3     . G   A 1 1  ? -9.487  7.210   15.317  1.00 0.00 ? 1  G   A N3     1 
ATOM   20  C  C4     . G   A 1 1  ? -10.234 6.189   14.830  1.00 0.00 ? 1  G   A C4     1 
ATOM   21  H  "H5'"  . G   A 1 1  ? -15.014 7.138   11.353  1.00 0.00 ? 1  G   A "H5'"  1 
ATOM   22  H  "H5''" . G   A 1 1  ? -14.326 6.333   9.929   1.00 0.00 ? 1  G   A "H5''" 1 
ATOM   23  H  "H4'"  . G   A 1 1  ? -13.009 8.315   10.681  1.00 0.00 ? 1  G   A "H4'"  1 
ATOM   24  H  "H3'"  . G   A 1 1  ? -11.686 5.563   10.713  1.00 0.00 ? 1  G   A "H3'"  1 
ATOM   25  H  "H2'"  . G   A 1 1  ? -9.684  6.586   11.578  1.00 0.00 ? 1  G   A "H2'"  1 
ATOM   26  H  "HO2'" . G   A 1 1  ? -10.177 9.155   11.720  1.00 0.00 ? 1  G   A "HO2'" 1 
ATOM   27  H  "H1'"  . G   A 1 1  ? -10.889 8.303   13.364  1.00 0.00 ? 1  G   A "H1'"  1 
ATOM   28  H  H8     . G   A 1 1  ? -12.290 4.710   12.813  1.00 0.00 ? 1  G   A H8     1 
ATOM   29  H  H1     . G   A 1 1  ? -8.321  5.430   17.809  1.00 0.00 ? 1  G   A H1     1 
ATOM   30  H  H21    . G   A 1 1  ? -7.502  7.494   17.836  1.00 0.00 ? 1  G   A H21    1 
ATOM   31  H  H22    . G   A 1 1  ? -7.966  8.692   16.648  1.00 0.00 ? 1  G   A H22    1 
ATOM   32  H  "HO5'" . G   A 1 1  ? -14.607 4.657   11.189  1.00 0.00 ? 1  G   A "HO5'" 1 
ATOM   33  P  P      . G   A 1 2  ? -10.776 6.103   8.212   1.00 0.00 ? 2  G   A P      1 
ATOM   34  O  OP1    . G   A 1 2  ? -11.040 6.661   6.867   1.00 0.00 ? 2  G   A OP1    1 
ATOM   35  O  OP2    . G   A 1 2  ? -11.196 4.721   8.534   1.00 0.00 ? 2  G   A OP2    1 
ATOM   36  O  "O5'"  . G   A 1 2  ? -9.199  6.234   8.512   1.00 0.00 ? 2  G   A "O5'"  1 
ATOM   37  C  "C5'"  . G   A 1 2  ? -8.491  7.425   8.160   1.00 0.00 ? 2  G   A "C5'"  1 
ATOM   38  C  "C4'"  . G   A 1 2  ? -7.193  7.561   8.949   1.00 0.00 ? 2  G   A "C4'"  1 
ATOM   39  O  "O4'"  . G   A 1 2  ? -7.457  7.343   10.336  1.00 0.00 ? 2  G   A "O4'"  1 
ATOM   40  C  "C3'"  . G   A 1 2  ? -6.132  6.530   8.614   1.00 0.00 ? 2  G   A "C3'"  1 
ATOM   41  O  "O3'"  . G   A 1 2  ? -5.311  7.086   7.582   1.00 0.00 ? 2  G   A "O3'"  1 
ATOM   42  C  "C2'"  . G   A 1 2  ? -5.290  6.480   9.880   1.00 0.00 ? 2  G   A "C2'"  1 
ATOM   43  O  "O2'"  . G   A 1 2  ? -4.326  7.538   9.881   1.00 0.00 ? 2  G   A "O2'"  1 
ATOM   44  C  "C1'"  . G   A 1 2  ? -6.336  6.707   10.975  1.00 0.00 ? 2  G   A "C1'"  1 
ATOM   45  N  N9     . G   A 1 2  ? -6.792  5.441   11.581  1.00 0.00 ? 2  G   A N9     1 
ATOM   46  C  C8     . G   A 1 2  ? -7.869  4.666   11.235  1.00 0.00 ? 2  G   A C8     1 
ATOM   47  N  N7     . G   A 1 2  ? -8.000  3.595   11.968  1.00 0.00 ? 2  G   A N7     1 
ATOM   48  C  C5     . G   A 1 2  ? -6.937  3.665   12.861  1.00 0.00 ? 2  G   A C5     1 
ATOM   49  C  C6     . G   A 1 2  ? -6.560  2.772   13.903  1.00 0.00 ? 2  G   A C6     1 
ATOM   50  O  O6     . G   A 1 2  ? -7.104  1.725   14.245  1.00 0.00 ? 2  G   A O6     1 
ATOM   51  N  N1     . G   A 1 2  ? -5.425  3.213   14.566  1.00 0.00 ? 2  G   A N1     1 
ATOM   52  C  C2     . G   A 1 2  ? -4.733  4.366   14.269  1.00 0.00 ? 2  G   A C2     1 
ATOM   53  N  N2     . G   A 1 2  ? -3.661  4.635   15.013  1.00 0.00 ? 2  G   A N2     1 
ATOM   54  N  N3     . G   A 1 2  ? -5.078  5.209   13.293  1.00 0.00 ? 2  G   A N3     1 
ATOM   55  C  C4     . G   A 1 2  ? -6.187  4.794   12.633  1.00 0.00 ? 2  G   A C4     1 
ATOM   56  H  "H5'"  . G   A 1 2  ? -9.124  8.289   8.366   1.00 0.00 ? 2  G   A "H5'"  1 
ATOM   57  H  "H5''" . G   A 1 2  ? -8.259  7.400   7.095   1.00 0.00 ? 2  G   A "H5''" 1 
ATOM   58  H  "H4'"  . G   A 1 2  ? -6.802  8.569   8.815   1.00 0.00 ? 2  G   A "H4'"  1 
ATOM   59  H  "H3'"  . G   A 1 2  ? -6.543  5.562   8.329   1.00 0.00 ? 2  G   A "H3'"  1 
ATOM   60  H  "H2'"  . G   A 1 2  ? -4.809  5.509   9.992   1.00 0.00 ? 2  G   A "H2'"  1 
ATOM   61  H  "HO2'" . G   A 1 2  ? -3.467  7.141   10.038  1.00 0.00 ? 2  G   A "HO2'" 1 
ATOM   62  H  "H1'"  . G   A 1 2  ? -5.948  7.360   11.756  1.00 0.00 ? 2  G   A "H1'"  1 
ATOM   63  H  H8     . G   A 1 2  ? -8.553  4.922   10.426  1.00 0.00 ? 2  G   A H8     1 
ATOM   64  H  H1     . G   A 1 2  ? -5.084  2.638   15.324  1.00 0.00 ? 2  G   A H1     1 
ATOM   65  H  H21    . G   A 1 2  ? -3.431  4.047   15.800  1.00 0.00 ? 2  G   A H21    1 
ATOM   66  H  H22    . G   A 1 2  ? -3.079  5.430   14.790  1.00 0.00 ? 2  G   A H22    1 
ATOM   67  P  P      . A   A 1 3  ? -4.639  6.134   6.471   1.00 0.00 ? 3  A   A P      1 
ATOM   68  O  OP1    . A   A 1 3  ? -4.358  6.951   5.270   1.00 0.00 ? 3  A   A OP1    1 
ATOM   69  O  OP2    . A   A 1 3  ? -5.459  4.907   6.354   1.00 0.00 ? 3  A   A OP2    1 
ATOM   70  O  "O5'"  . A   A 1 3  ? -3.234  5.737   7.151   1.00 0.00 ? 3  A   A "O5'"  1 
ATOM   71  C  "C5'"  . A   A 1 3  ? -2.133  6.648   7.126   1.00 0.00 ? 3  A   A "C5'"  1 
ATOM   72  C  "C4'"  . A   A 1 3  ? -1.238  6.478   8.351   1.00 0.00 ? 3  A   A "C4'"  1 
ATOM   73  O  "O4'"  . A   A 1 3  ? -2.051  6.142   9.482   1.00 0.00 ? 3  A   A "O4'"  1 
ATOM   74  C  "C3'"  . A   A 1 3  ? -0.239  5.340   8.260   1.00 0.00 ? 3  A   A "C3'"  1 
ATOM   75  O  "O3'"  . A   A 1 3  ? 0.980   5.890   7.754   1.00 0.00 ? 3  A   A "O3'"  1 
ATOM   76  C  "C2'"  . A   A 1 3  ? -0.004  4.982   9.718   1.00 0.00 ? 3  A   A "C2'"  1 
ATOM   77  O  "O2'"  . A   A 1 3  ? 0.917   5.896   10.318  1.00 0.00 ? 3  A   A "O2'"  1 
ATOM   78  C  "C1'"  . A   A 1 3  ? -1.400  5.160   10.306  1.00 0.00 ? 3  A   A "C1'"  1 
ATOM   79  N  N9     . A   A 1 3  ? -2.187  3.914   10.254  1.00 0.00 ? 3  A   A N9     1 
ATOM   80  C  C8     . A   A 1 3  ? -3.146  3.545   9.346   1.00 0.00 ? 3  A   A C8     1 
ATOM   81  N  N7     . A   A 1 3  ? -3.656  2.367   9.572   1.00 0.00 ? 3  A   A N7     1 
ATOM   82  C  C5     . A   A 1 3  ? -2.987  1.927   10.708  1.00 0.00 ? 3  A   A C5     1 
ATOM   83  C  C6     . A   A 1 3  ? -3.068  0.746   11.461  1.00 0.00 ? 3  A   A C6     1 
ATOM   84  N  N6     . A   A 1 3  ? -3.894  -0.259  11.169  1.00 0.00 ? 3  A   A N6     1 
ATOM   85  N  N1     . A   A 1 3  ? -2.263  0.629   12.530  1.00 0.00 ? 3  A   A N1     1 
ATOM   86  C  C2     . A   A 1 3  ? -1.435  1.624   12.825  1.00 0.00 ? 3  A   A C2     1 
ATOM   87  N  N3     . A   A 1 3  ? -1.264  2.780   12.201  1.00 0.00 ? 3  A   A N3     1 
ATOM   88  C  C4     . A   A 1 3  ? -2.088  2.861   11.134  1.00 0.00 ? 3  A   A C4     1 
ATOM   89  H  "H5'"  . A   A 1 3  ? -2.517  7.669   7.100   1.00 0.00 ? 3  A   A "H5'"  1 
ATOM   90  H  "H5''" . A   A 1 3  ? -1.543  6.467   6.227   1.00 0.00 ? 3  A   A "H5''" 1 
ATOM   91  H  "H4'"  . A   A 1 3  ? -0.723  7.417   8.551   1.00 0.00 ? 3  A   A "H4'"  1 
ATOM   92  H  "H3'"  . A   A 1 3  ? -0.591  4.501   7.658   1.00 0.00 ? 3  A   A "H3'"  1 
ATOM   93  H  "H2'"  . A   A 1 3  ? 0.336   3.953   9.822   1.00 0.00 ? 3  A   A "H2'"  1 
ATOM   94  H  "HO2'" . A   A 1 3  ? 0.439   6.711   10.490  1.00 0.00 ? 3  A   A "HO2'" 1 
ATOM   95  H  "H1'"  . A   A 1 3  ? -1.352  5.518   11.334  1.00 0.00 ? 3  A   A "H1'"  1 
ATOM   96  H  H8     . A   A 1 3  ? -3.450  4.177   8.512   1.00 0.00 ? 3  A   A H8     1 
ATOM   97  H  H61    . A   A 1 3  ? -3.858  -1.115  11.705  1.00 0.00 ? 3  A   A H61    1 
ATOM   98  H  H62    . A   A 1 3  ? -4.557  -0.165  10.413  1.00 0.00 ? 3  A   A H62    1 
ATOM   99  H  H2     . A   A 1 3  ? -0.809  1.467   13.703  1.00 0.00 ? 3  A   A H2     1 
ATOM   100 P  P      . A   A 1 4  ? 1.764   5.169   6.546   1.00 0.00 ? 4  A   A P      1 
ATOM   101 O  OP1    . A   A 1 4  ? 2.588   6.186   5.855   1.00 0.00 ? 4  A   A OP1    1 
ATOM   102 O  OP2    . A   A 1 4  ? 0.791   4.360   5.779   1.00 0.00 ? 4  A   A OP2    1 
ATOM   103 O  "O5'"  . A   A 1 4  ? 2.752   4.165   7.325   1.00 0.00 ? 4  A   A "O5'"  1 
ATOM   104 C  "C5'"  . A   A 1 4  ? 3.673   4.665   8.298   1.00 0.00 ? 4  A   A "C5'"  1 
ATOM   105 C  "C4'"  . A   A 1 4  ? 3.937   3.638   9.392   1.00 0.00 ? 4  A   A "C4'"  1 
ATOM   106 O  "O4'"  . A   A 1 4  ? 2.697   3.295   10.021  1.00 0.00 ? 4  A   A "O4'"  1 
ATOM   107 C  "C3'"  . A   A 1 4  ? 4.491   2.312   8.902   1.00 0.00 ? 4  A   A "C3'"  1 
ATOM   108 O  "O3'"  . A   A 1 4  ? 5.915   2.384   9.015   1.00 0.00 ? 4  A   A "O3'"  1 
ATOM   109 C  "C2'"  . A   A 1 4  ? 4.009   1.322   9.949   1.00 0.00 ? 4  A   A "C2'"  1 
ATOM   110 O  "O2'"  . A   A 1 4  ? 4.878   1.329   11.085  1.00 0.00 ? 4  A   A "O2'"  1 
ATOM   111 C  "C1'"  . A   A 1 4  ? 2.640   1.891   10.318  1.00 0.00 ? 4  A   A "C1'"  1 
ATOM   112 N  N9     . A   A 1 4  ? 1.550   1.282   9.530   1.00 0.00 ? 4  A   A N9     1 
ATOM   113 C  C8     . A   A 1 4  ? 0.901   1.780   8.427   1.00 0.00 ? 4  A   A C8     1 
ATOM   114 N  N7     . A   A 1 4  ? -0.021  0.982   7.960   1.00 0.00 ? 4  A   A N7     1 
ATOM   115 C  C5     . A   A 1 4  ? 0.025   -0.116  8.813   1.00 0.00 ? 4  A   A C5     1 
ATOM   116 C  C6     . A   A 1 4  ? -0.702  -1.316  8.861   1.00 0.00 ? 4  A   A C6     1 
ATOM   117 N  N6     . A   A 1 4  ? -1.665  -1.630  7.993   1.00 0.00 ? 4  A   A N6     1 
ATOM   118 N  N1     . A   A 1 4  ? -0.405  -2.189  9.838   1.00 0.00 ? 4  A   A N1     1 
ATOM   119 C  C2     . A   A 1 4  ? 0.552   -1.883  10.706  1.00 0.00 ? 4  A   A C2     1 
ATOM   120 N  N3     . A   A 1 4  ? 1.304   -0.796  10.768  1.00 0.00 ? 4  A   A N3     1 
ATOM   121 C  C4     . A   A 1 4  ? 0.979   0.057   9.774   1.00 0.00 ? 4  A   A C4     1 
ATOM   122 H  "H5'"  . A   A 1 4  ? 3.260   5.567   8.748   1.00 0.00 ? 4  A   A "H5'"  1 
ATOM   123 H  "H5''" . A   A 1 4  ? 4.613   4.910   7.805   1.00 0.00 ? 4  A   A "H5''" 1 
ATOM   124 H  "H4'"  . A   A 1 4  ? 4.601   4.079   10.136  1.00 0.00 ? 4  A   A "H4'"  1 
ATOM   125 H  "H3'"  . A   A 1 4  ? 4.177   2.060   7.889   1.00 0.00 ? 4  A   A "H3'"  1 
ATOM   126 H  "H2'"  . A   A 1 4  ? 3.916   0.321   9.528   1.00 0.00 ? 4  A   A "H2'"  1 
ATOM   127 H  "HO2'" . A   A 1 4  ? 4.578   2.028   11.670  1.00 0.00 ? 4  A   A "HO2'" 1 
ATOM   128 H  "H1'"  . A   A 1 4  ? 2.435   1.755   11.380  1.00 0.00 ? 4  A   A "H1'"  1 
ATOM   129 H  H8     . A   A 1 4  ? 1.128   2.753   7.986   1.00 0.00 ? 4  A   A H8     1 
ATOM   130 H  H61    . A   A 1 4  ? -2.151  -2.512  8.076   1.00 0.00 ? 4  A   A H61    1 
ATOM   131 H  H62    . A   A 1 4  ? -1.908  -0.987  7.254   1.00 0.00 ? 4  A   A H62    1 
ATOM   132 H  H2     . A   A 1 4  ? 0.746   -2.631  11.475  1.00 0.00 ? 4  A   A H2     1 
ATOM   133 P  P      . G   A 1 5  ? 6.860   1.667   7.926   1.00 0.00 ? 5  G   A P      1 
ATOM   134 O  OP1    . G   A 1 5  ? 8.253   2.112   8.156   1.00 0.00 ? 5  G   A OP1    1 
ATOM   135 O  OP2    . G   A 1 5  ? 6.242   1.837   6.592   1.00 0.00 ? 5  G   A OP2    1 
ATOM   136 O  "O5'"  . G   A 1 5  ? 6.753   0.115   8.338   1.00 0.00 ? 5  G   A "O5'"  1 
ATOM   137 C  "C5'"  . G   A 1 5  ? 7.054   -0.302  9.672   1.00 0.00 ? 5  G   A "C5'"  1 
ATOM   138 C  "C4'"  . G   A 1 5  ? 6.545   -1.714  9.948   1.00 0.00 ? 5  G   A "C4'"  1 
ATOM   139 O  "O4'"  . G   A 1 5  ? 5.127   -1.735  9.835   1.00 0.00 ? 5  G   A "O4'"  1 
ATOM   140 C  "C3'"  . G   A 1 5  ? 6.994   -2.761  8.949   1.00 0.00 ? 5  G   A "C3'"  1 
ATOM   141 O  "O3'"  . G   A 1 5  ? 8.189   -3.347  9.472   1.00 0.00 ? 5  G   A "O3'"  1 
ATOM   142 C  "C2'"  . G   A 1 5  ? 5.905   -3.831  9.018   1.00 0.00 ? 5  G   A "C2'"  1 
ATOM   143 O  "O2'"  . G   A 1 5  ? 6.281   -4.864  9.932   1.00 0.00 ? 5  G   A "O2'"  1 
ATOM   144 C  "C1'"  . G   A 1 5  ? 4.683   -3.068  9.552   1.00 0.00 ? 5  G   A "C1'"  1 
ATOM   145 N  N9     . G   A 1 5  ? 3.590   -2.998  8.563   1.00 0.00 ? 5  G   A N9     1 
ATOM   146 C  C8     . G   A 1 5  ? 3.314   -2.001  7.662   1.00 0.00 ? 5  G   A C8     1 
ATOM   147 N  N7     . G   A 1 5  ? 2.266   -2.238  6.923   1.00 0.00 ? 5  G   A N7     1 
ATOM   148 C  C5     . G   A 1 5  ? 1.815   -3.477  7.365   1.00 0.00 ? 5  G   A C5     1 
ATOM   149 C  C6     . G   A 1 5  ? 0.703   -4.251  6.932   1.00 0.00 ? 5  G   A C6     1 
ATOM   150 O  O6     . G   A 1 5  ? -0.116  -3.985  6.054   1.00 0.00 ? 5  G   A O6     1 
ATOM   151 N  N1     . G   A 1 5  ? 0.601   -5.439  7.637   1.00 0.00 ? 5  G   A N1     1 
ATOM   152 C  C2     . G   A 1 5  ? 1.457   -5.840  8.637   1.00 0.00 ? 5  G   A C2     1 
ATOM   153 N  N2     . G   A 1 5  ? 1.210   -7.018  9.209   1.00 0.00 ? 5  G   A N2     1 
ATOM   154 N  N3     . G   A 1 5  ? 2.504   -5.121  9.052   1.00 0.00 ? 5  G   A N3     1 
ATOM   155 C  C4     . G   A 1 5  ? 2.620   -3.954  8.372   1.00 0.00 ? 5  G   A C4     1 
ATOM   156 H  "H5'"  . G   A 1 5  ? 6.586   0.387   10.374  1.00 0.00 ? 5  G   A "H5'"  1 
ATOM   157 H  "H5''" . G   A 1 5  ? 8.134   -0.280  9.817   1.00 0.00 ? 5  G   A "H5''" 1 
ATOM   158 H  "H4'"  . G   A 1 5  ? 6.826   -2.001  10.961  1.00 0.00 ? 5  G   A "H4'"  1 
ATOM   159 H  "H3'"  . G   A 1 5  ? 7.146   -2.363  7.945   1.00 0.00 ? 5  G   A "H3'"  1 
ATOM   160 H  "H2'"  . G   A 1 5  ? 5.702   -4.241  8.029   1.00 0.00 ? 5  G   A "H2'"  1 
ATOM   161 H  "HO2'" . G   A 1 5  ? 5.674   -4.825  10.675  1.00 0.00 ? 5  G   A "HO2'" 1 
ATOM   162 H  "H1'"  . G   A 1 5  ? 4.308   -3.524  10.468  1.00 0.00 ? 5  G   A "H1'"  1 
ATOM   163 H  H8     . G   A 1 5  ? 3.915   -1.097  7.570   1.00 0.00 ? 5  G   A H8     1 
ATOM   164 H  H1     . G   A 1 5  ? -0.164  -6.053  7.395   1.00 0.00 ? 5  G   A H1     1 
ATOM   165 H  H21    . G   A 1 5  ? 0.385   -7.541  8.951   1.00 0.00 ? 5  G   A H21    1 
ATOM   166 H  H22    . G   A 1 5  ? 1.846   -7.388  9.900   1.00 0.00 ? 5  G   A H22    1 
ATOM   167 P  P      . A   A 1 6  ? 9.363   -3.833  8.485   1.00 0.00 ? 6  A   A P      1 
ATOM   168 O  OP1    . A   A 1 6  ? 10.230  -2.671  8.186   1.00 0.00 ? 6  A   A OP1    1 
ATOM   169 O  OP2    . A   A 1 6  ? 8.750   -4.601  7.379   1.00 0.00 ? 6  A   A OP2    1 
ATOM   170 O  "O5'"  . A   A 1 6  ? 10.194  -4.858  9.411   1.00 0.00 ? 6  A   A "O5'"  1 
ATOM   171 C  "C5'"  . A   A 1 6  ? 9.528   -5.681  10.379  1.00 0.00 ? 6  A   A "C5'"  1 
ATOM   172 C  "C4'"  . A   A 1 6  ? 9.395   -7.125  9.890   1.00 0.00 ? 6  A   A "C4'"  1 
ATOM   173 O  "O4'"  . A   A 1 6  ? 8.124   -7.630  10.269  1.00 0.00 ? 6  A   A "O4'"  1 
ATOM   174 C  "C3'"  . A   A 1 6  ? 9.409   -7.292  8.381   1.00 0.00 ? 6  A   A "C3'"  1 
ATOM   175 O  "O3'"  . A   A 1 6  ? 10.757  -7.593  8.012   1.00 0.00 ? 6  A   A "O3'"  1 
ATOM   176 C  "C2'"  . A   A 1 6  ? 8.585   -8.557  8.130   1.00 0.00 ? 6  A   A "C2'"  1 
ATOM   177 O  "O2'"  . A   A 1 6  ? 9.450   -9.680  7.942   1.00 0.00 ? 6  A   A "O2'"  1 
ATOM   178 C  "C1'"  . A   A 1 6  ? 7.768   -8.724  9.419   1.00 0.00 ? 6  A   A "C1'"  1 
ATOM   179 N  N9     . A   A 1 6  ? 6.315   -8.671  9.173   1.00 0.00 ? 6  A   A N9     1 
ATOM   180 C  C8     . A   A 1 6  ? 5.498   -7.572  9.088   1.00 0.00 ? 6  A   A C8     1 
ATOM   181 N  N7     . A   A 1 6  ? 4.247   -7.866  8.868   1.00 0.00 ? 6  A   A N7     1 
ATOM   182 C  C5     . A   A 1 6  ? 4.238   -9.255  8.804   1.00 0.00 ? 6  A   A C5     1 
ATOM   183 C  C6     . A   A 1 6  ? 3.213   -10.191 8.593   1.00 0.00 ? 6  A   A C6     1 
ATOM   184 N  N6     . A   A 1 6  ? 1.938   -9.855  8.399   1.00 0.00 ? 6  A   A N6     1 
ATOM   185 N  N1     . A   A 1 6  ? 3.545   -11.492 8.589   1.00 0.00 ? 6  A   A N1     1 
ATOM   186 C  C2     . A   A 1 6  ? 4.814   -11.835 8.783   1.00 0.00 ? 6  A   A C2     1 
ATOM   187 N  N3     . A   A 1 6  ? 5.865   -11.055 8.992   1.00 0.00 ? 6  A   A N3     1 
ATOM   188 C  C4     . A   A 1 6  ? 5.494   -9.757  8.989   1.00 0.00 ? 6  A   A C4     1 
ATOM   189 H  "H5'"  . A   A 1 6  ? 8.531   -5.279  10.567  1.00 0.00 ? 6  A   A "H5'"  1 
ATOM   190 H  "H5''" . A   A 1 6  ? 10.096  -5.662  11.310  1.00 0.00 ? 6  A   A "H5''" 1 
ATOM   191 H  "H4'"  . A   A 1 6  ? 10.174  -7.738  10.350  1.00 0.00 ? 6  A   A "H4'"  1 
ATOM   192 H  "H3'"  . A   A 1 6  ? 9.030   -6.420  7.848   1.00 0.00 ? 6  A   A "H3'"  1 
ATOM   193 H  "H2'"  . A   A 1 6  ? 7.927   -8.424  7.271   1.00 0.00 ? 6  A   A "H2'"  1 
ATOM   194 H  "HO2'" . A   A 1 6  ? 9.310   -10.274 8.683   1.00 0.00 ? 6  A   A "HO2'" 1 
ATOM   195 H  "H1'"  . A   A 1 6  ? 8.014   -9.661  9.917   1.00 0.00 ? 6  A   A "H1'"  1 
ATOM   196 H  H8     . A   A 1 6  ? 5.862   -6.549  9.193   1.00 0.00 ? 6  A   A H8     1 
ATOM   197 H  H61    . A   A 1 6  ? 1.247   -10.572 8.232   1.00 0.00 ? 6  A   A H61    1 
ATOM   198 H  H62    . A   A 1 6  ? 1.663   -8.883  8.421   1.00 0.00 ? 6  A   A H62    1 
ATOM   199 H  H2     . A   A 1 6  ? 5.018   -12.905 8.767   1.00 0.00 ? 6  A   A H2     1 
ATOM   200 P  P      . C   A 1 7  ? 11.338  -7.131  6.583   1.00 0.00 ? 7  C   A P      1 
ATOM   201 O  OP1    . C   A 1 7  ? 11.649  -8.345  5.796   1.00 0.00 ? 7  C   A OP1    1 
ATOM   202 O  OP2    . C   A 1 7  ? 12.387  -6.113  6.817   1.00 0.00 ? 7  C   A OP2    1 
ATOM   203 O  "O5'"  . C   A 1 7  ? 10.071  -6.404  5.907   1.00 0.00 ? 7  C   A "O5'"  1 
ATOM   204 C  "C5'"  . C   A 1 7  ? 9.870   -6.462  4.493   1.00 0.00 ? 7  C   A "C5'"  1 
ATOM   205 C  "C4'"  . C   A 1 7  ? 9.241   -7.788  4.071   1.00 0.00 ? 7  C   A "C4'"  1 
ATOM   206 O  "O4'"  . C   A 1 7  ? 8.253   -8.163  5.036   1.00 0.00 ? 7  C   A "O4'"  1 
ATOM   207 C  "C3'"  . C   A 1 7  ? 8.489   -7.750  2.749   1.00 0.00 ? 7  C   A "C3'"  1 
ATOM   208 O  "O3'"  . C   A 1 7  ? 9.395   -8.206  1.739   1.00 0.00 ? 7  C   A "O3'"  1 
ATOM   209 C  "C2'"  . C   A 1 7  ? 7.430   -8.826  2.914   1.00 0.00 ? 7  C   A "C2'"  1 
ATOM   210 O  "O2'"  . C   A 1 7  ? 7.973   -10.116 2.615   1.00 0.00 ? 7  C   A "O2'"  1 
ATOM   211 C  "C1'"  . C   A 1 7  ? 7.090   -8.719  4.399   1.00 0.00 ? 7  C   A "C1'"  1 
ATOM   212 N  N1     . C   A 1 7  ? 5.936   -7.828  4.646   1.00 0.00 ? 7  C   A N1     1 
ATOM   213 C  C2     . C   A 1 7  ? 4.674   -8.315  4.339   1.00 0.00 ? 7  C   A C2     1 
ATOM   214 O  O2     . C   A 1 7  ? 4.542   -9.449  3.886   1.00 0.00 ? 7  C   A O2     1 
ATOM   215 N  N3     . C   A 1 7  ? 3.595   -7.512  4.553   1.00 0.00 ? 7  C   A N3     1 
ATOM   216 C  C4     . C   A 1 7  ? 3.748   -6.278  5.049   1.00 0.00 ? 7  C   A C4     1 
ATOM   217 N  N4     . C   A 1 7  ? 2.652   -5.541  5.236   1.00 0.00 ? 7  C   A N4     1 
ATOM   218 C  C5     . C   A 1 7  ? 5.046   -5.769  5.369   1.00 0.00 ? 7  C   A C5     1 
ATOM   219 C  C6     . C   A 1 7  ? 6.105   -6.571  5.153   1.00 0.00 ? 7  C   A C6     1 
ATOM   220 H  "H5'"  . C   A 1 7  ? 10.831  -6.349  3.992   1.00 0.00 ? 7  C   A "H5'"  1 
ATOM   221 H  "H5''" . C   A 1 7  ? 9.215   -5.644  4.195   1.00 0.00 ? 7  C   A "H5''" 1 
ATOM   222 H  "H4'"  . C   A 1 7  ? 10.018  -8.552  4.047   1.00 0.00 ? 7  C   A "H4'"  1 
ATOM   223 H  "H3'"  . C   A 1 7  ? 8.076   -6.770  2.510   1.00 0.00 ? 7  C   A "H3'"  1 
ATOM   224 H  "H2'"  . C   A 1 7  ? 6.558   -8.613  2.298   1.00 0.00 ? 7  C   A "H2'"  1 
ATOM   225 H  "HO2'" . C   A 1 7  ? 7.234   -10.705 2.449   1.00 0.00 ? 7  C   A "HO2'" 1 
ATOM   226 H  "H1'"  . C   A 1 7  ? 6.883   -9.702  4.822   1.00 0.00 ? 7  C   A "H1'"  1 
ATOM   227 H  H41    . C   A 1 7  ? 1.752   -5.892  4.941   1.00 0.00 ? 7  C   A H41    1 
ATOM   228 H  H42    . C   A 1 7  ? 2.723   -4.633  5.672   1.00 0.00 ? 7  C   A H42    1 
ATOM   229 H  H5     . C   A 1 7  ? 5.182   -4.767  5.775   1.00 0.00 ? 7  C   A H5     1 
ATOM   230 H  H6     . C   A 1 7  ? 7.108   -6.214  5.385   1.00 0.00 ? 7  C   A H6     1 
ATOM   231 P  P      . C   A 1 8  ? 9.249   -7.695  0.219   1.00 0.00 ? 8  C   A P      1 
ATOM   232 O  OP1    . C   A 1 8  ? 10.512  -7.996  -0.493  1.00 0.00 ? 8  C   A OP1    1 
ATOM   233 O  OP2    . C   A 1 8  ? 8.729   -6.311  0.243   1.00 0.00 ? 8  C   A OP2    1 
ATOM   234 O  "O5'"  . C   A 1 8  ? 8.099   -8.657  -0.367  1.00 0.00 ? 8  C   A "O5'"  1 
ATOM   235 C  "C5'"  . C   A 1 8  ? 8.439   -9.901  -0.986  1.00 0.00 ? 8  C   A "C5'"  1 
ATOM   236 C  "C4'"  . C   A 1 8  ? 7.276   -10.457 -1.801  1.00 0.00 ? 8  C   A "C4'"  1 
ATOM   237 O  "O4'"  . C   A 1 8  ? 6.175   -10.726 -0.926  1.00 0.00 ? 8  C   A "O4'"  1 
ATOM   238 C  "C3'"  . C   A 1 8  ? 6.705   -9.499  -2.832  1.00 0.00 ? 8  C   A "C3'"  1 
ATOM   239 O  "O3'"  . C   A 1 8  ? 7.366   -9.762  -4.072  1.00 0.00 ? 8  C   A "O3'"  1 
ATOM   240 C  "C2'"  . C   A 1 8  ? 5.270   -9.973  -2.977  1.00 0.00 ? 8  C   A "C2'"  1 
ATOM   241 O  "O2'"  . C   A 1 8  ? 5.201   -11.113 -3.838  1.00 0.00 ? 8  C   A "O2'"  1 
ATOM   242 C  "C1'"  . C   A 1 8  ? 4.927   -10.361 -1.543  1.00 0.00 ? 8  C   A "C1'"  1 
ATOM   243 N  N1     . C   A 1 8  ? 4.344   -9.230  -0.785  1.00 0.00 ? 8  C   A N1     1 
ATOM   244 C  C2     . C   A 1 8  ? 2.971   -9.041  -0.853  1.00 0.00 ? 8  C   A C2     1 
ATOM   245 O  O2     . C   A 1 8  ? 2.274   -9.803  -1.519  1.00 0.00 ? 8  C   A O2     1 
ATOM   246 N  N3     . C   A 1 8  ? 2.419   -7.999  -0.170  1.00 0.00 ? 8  C   A N3     1 
ATOM   247 C  C4     . C   A 1 8  ? 3.188   -7.174  0.553   1.00 0.00 ? 8  C   A C4     1 
ATOM   248 N  N4     . C   A 1 8  ? 2.592   -6.172  1.199   1.00 0.00 ? 8  C   A N4     1 
ATOM   249 C  C5     . C   A 1 8  ? 4.604   -7.363  0.628   1.00 0.00 ? 8  C   A C5     1 
ATOM   250 C  C6     . C   A 1 8  ? 5.136   -8.397  -0.051  1.00 0.00 ? 8  C   A C6     1 
ATOM   251 H  "H5'"  . C   A 1 8  ? 8.708   -10.620 -0.214  1.00 0.00 ? 8  C   A "H5'"  1 
ATOM   252 H  "H5''" . C   A 1 8  ? 9.294   -9.748  -1.645  1.00 0.00 ? 8  C   A "H5''" 1 
ATOM   253 H  "H4'"  . C   A 1 8  ? 7.589   -11.388 -2.275  1.00 0.00 ? 8  C   A "H4'"  1 
ATOM   254 H  "H3'"  . C   A 1 8  ? 6.788   -8.452  -2.542  1.00 0.00 ? 8  C   A "H3'"  1 
ATOM   255 H  "H2'"  . C   A 1 8  ? 4.624   -9.171  -3.330  1.00 0.00 ? 8  C   A "H2'"  1 
ATOM   256 H  "HO2'" . C   A 1 8  ? 5.306   -11.893 -3.288  1.00 0.00 ? 8  C   A "HO2'" 1 
ATOM   257 H  "H1'"  . C   A 1 8  ? 4.249   -11.215 -1.519  1.00 0.00 ? 8  C   A "H1'"  1 
ATOM   258 H  H41    . C   A 1 8  ? 1.596   -6.031  1.104   1.00 0.00 ? 8  C   A H41    1 
ATOM   259 H  H42    . C   A 1 8  ? 3.136   -5.552  1.782   1.00 0.00 ? 8  C   A H42    1 
ATOM   260 H  H5     . C   A 1 8  ? 5.238   -6.697  1.213   1.00 0.00 ? 8  C   A H5     1 
ATOM   261 H  H6     . C   A 1 8  ? 6.212   -8.567  -0.017  1.00 0.00 ? 8  C   A H6     1 
ATOM   262 P  P      . G   A 1 9  ? 7.504   -8.604  -5.182  1.00 0.00 ? 9  G   A P      1 
ATOM   263 O  OP1    . G   A 1 9  ? 8.436   -9.076  -6.229  1.00 0.00 ? 9  G   A OP1    1 
ATOM   264 O  OP2    . G   A 1 9  ? 7.762   -7.324  -4.484  1.00 0.00 ? 9  G   A OP2    1 
ATOM   265 O  "O5'"  . G   A 1 9  ? 6.024   -8.545  -5.812  1.00 0.00 ? 9  G   A "O5'"  1 
ATOM   266 C  "C5'"  . G   A 1 9  ? 5.564   -9.586  -6.675  1.00 0.00 ? 9  G   A "C5'"  1 
ATOM   267 C  "C4'"  . G   A 1 9  ? 4.052   -9.531  -6.874  1.00 0.00 ? 9  G   A "C4'"  1 
ATOM   268 O  "O4'"  . G   A 1 9  ? 3.416   -9.232  -5.627  1.00 0.00 ? 9  G   A "O4'"  1 
ATOM   269 C  "C3'"  . G   A 1 9  ? 3.564   -8.426  -7.790  1.00 0.00 ? 9  G   A "C3'"  1 
ATOM   270 O  "O3'"  . G   A 1 9  ? 3.553   -8.945  -9.121  1.00 0.00 ? 9  G   A "O3'"  1 
ATOM   271 C  "C2'"  . G   A 1 9  ? 2.118   -8.259  -7.358  1.00 0.00 ? 9  G   A "C2'"  1 
ATOM   272 O  "O2'"  . G   A 1 9  ? 1.297   -9.275  -7.940  1.00 0.00 ? 9  G   A "O2'"  1 
ATOM   273 C  "C1'"  . G   A 1 9  ? 2.223   -8.455  -5.843  1.00 0.00 ? 9  G   A "C1'"  1 
ATOM   274 N  N9     . G   A 1 9  ? 2.353   -7.172  -5.127  1.00 0.00 ? 9  G   A N9     1 
ATOM   275 C  C8     . G   A 1 9  ? 3.457   -6.641  -4.510  1.00 0.00 ? 9  G   A C8     1 
ATOM   276 N  N7     . G   A 1 9  ? 3.247   -5.472  -3.974  1.00 0.00 ? 9  G   A N7     1 
ATOM   277 C  C5     . G   A 1 9  ? 1.911   -5.209  -4.254  1.00 0.00 ? 9  G   A C5     1 
ATOM   278 C  C6     . G   A 1 9  ? 1.115   -4.078  -3.920  1.00 0.00 ? 9  G   A C6     1 
ATOM   279 O  O6     . G   A 1 9  ? 1.446   -3.069  -3.302  1.00 0.00 ? 9  G   A O6     1 
ATOM   280 N  N1     . G   A 1 9  ? -0.182  -4.210  -4.391  1.00 0.00 ? 9  G   A N1     1 
ATOM   281 C  C2     . G   A 1 9  ? -0.660  -5.290  -5.096  1.00 0.00 ? 9  G   A C2     1 
ATOM   282 N  N2     . G   A 1 9  ? -1.939  -5.249  -5.472  1.00 0.00 ? 9  G   A N2     1 
ATOM   283 N  N3     . G   A 1 9  ? 0.078   -6.357  -5.414  1.00 0.00 ? 9  G   A N3     1 
ATOM   284 C  C4     . G   A 1 9  ? 1.351   -6.246  -4.961  1.00 0.00 ? 9  G   A C4     1 
ATOM   285 H  "H5'"  . G   A 1 9  ? 5.830   -10.551 -6.241  1.00 0.00 ? 9  G   A "H5'"  1 
ATOM   286 H  "H5''" . G   A 1 9  ? 6.053   -9.488  -7.645  1.00 0.00 ? 9  G   A "H5''" 1 
ATOM   287 H  "H4'"  . G   A 1 9  ? 3.704   -10.502 -7.226  1.00 0.00 ? 9  G   A "H4'"  1 
ATOM   288 H  "H3'"  . G   A 1 9  ? 4.149   -7.510  -7.714  1.00 0.00 ? 9  G   A "H3'"  1 
ATOM   289 H  "H2'"  . G   A 1 9  ? 1.747   -7.264  -7.600  1.00 0.00 ? 9  G   A "H2'"  1 
ATOM   290 H  "HO2'" . G   A 1 9  ? 1.594   -10.118 -7.588  1.00 0.00 ? 9  G   A "HO2'" 1 
ATOM   291 H  "H1'"  . G   A 1 9  ? 1.361   -8.999  -5.459  1.00 0.00 ? 9  G   A "H1'"  1 
ATOM   292 H  H8     . G   A 1 9  ? 4.420   -7.150  -4.470  1.00 0.00 ? 9  G   A H8     1 
ATOM   293 H  H1     . G   A 1 9  ? -0.819  -3.450  -4.199  1.00 0.00 ? 9  G   A H1     1 
ATOM   294 H  H21    . G   A 1 9  ? -2.527  -4.481  -5.180  1.00 0.00 ? 9  G   A H21    1 
ATOM   295 H  H22    . G   A 1 9  ? -2.319  -5.985  -6.050  1.00 0.00 ? 9  G   A H22    1 
ATOM   296 P  P      . G   A 1 10 ? 3.757   -7.959  -10.378 1.00 0.00 ? 10 G   A P      1 
ATOM   297 O  OP1    . G   A 1 10 ? 3.595   -8.751  -11.618 1.00 0.00 ? 10 G   A OP1    1 
ATOM   298 O  OP2    . G   A 1 10 ? 4.994   -7.178  -10.158 1.00 0.00 ? 10 G   A OP2    1 
ATOM   299 O  "O5'"  . G   A 1 10 ? 2.501   -6.961  -10.248 1.00 0.00 ? 10 G   A "O5'"  1 
ATOM   300 C  "C5'"  . G   A 1 10 ? 1.169   -7.446  -10.437 1.00 0.00 ? 10 G   A "C5'"  1 
ATOM   301 C  "C4'"  . G   A 1 10 ? 0.128   -6.365  -10.163 1.00 0.00 ? 10 G   A "C4'"  1 
ATOM   302 O  "O4'"  . G   A 1 10 ? 0.287   -5.865  -8.835  1.00 0.00 ? 10 G   A "O4'"  1 
ATOM   303 C  "C3'"  . G   A 1 10 ? 0.246   -5.128  -11.024 1.00 0.00 ? 10 G   A "C3'"  1 
ATOM   304 O  "O3'"  . G   A 1 10 ? -0.542  -5.354  -12.195 1.00 0.00 ? 10 G   A "O3'"  1 
ATOM   305 C  "C2'"  . G   A 1 10 ? -0.473  -4.071  -10.197 1.00 0.00 ? 10 G   A "C2'"  1 
ATOM   306 O  "O2'"  . G   A 1 10 ? -1.882  -4.111  -10.448 1.00 0.00 ? 10 G   A "O2'"  1 
ATOM   307 C  "C1'"  . G   A 1 10 ? -0.171  -4.504  -8.761  1.00 0.00 ? 10 G   A "C1'"  1 
ATOM   308 N  N9     . G   A 1 10 ? 0.872   -3.664  -8.140  1.00 0.00 ? 10 G   A N9     1 
ATOM   309 C  C8     . G   A 1 10 ? 2.107   -4.026  -7.666  1.00 0.00 ? 10 G   A C8     1 
ATOM   310 N  N7     . G   A 1 10 ? 2.787   -3.031  -7.165  1.00 0.00 ? 10 G   A N7     1 
ATOM   311 C  C5     . G   A 1 10 ? 1.944   -1.935  -7.320  1.00 0.00 ? 10 G   A C5     1 
ATOM   312 C  C6     . G   A 1 10 ? 2.140   -0.572  -6.960  1.00 0.00 ? 10 G   A C6     1 
ATOM   313 O  O6     . G   A 1 10 ? 3.117   -0.057  -6.419  1.00 0.00 ? 10 G   A O6     1 
ATOM   314 N  N1     . G   A 1 10 ? 1.041   0.207   -7.292  1.00 0.00 ? 10 G   A N1     1 
ATOM   315 C  C2     . G   A 1 10 ? -0.105  -0.261  -7.892  1.00 0.00 ? 10 G   A C2     1 
ATOM   316 N  N2     . G   A 1 10 ? -1.065  0.629   -8.142  1.00 0.00 ? 10 G   A N2     1 
ATOM   317 N  N3     . G   A 1 10 ? -0.299  -1.536  -8.234  1.00 0.00 ? 10 G   A N3     1 
ATOM   318 C  C4     . G   A 1 10 ? 0.766   -2.313  -7.916  1.00 0.00 ? 10 G   A C4     1 
ATOM   319 H  "H5'"  . G   A 1 10 ? 0.998   -8.284  -9.761  1.00 0.00 ? 10 G   A "H5'"  1 
ATOM   320 H  "H5''" . G   A 1 10 ? 1.060   -7.791  -11.465 1.00 0.00 ? 10 G   A "H5''" 1 
ATOM   321 H  "H4'"  . G   A 1 10 ? -0.866  -6.799  -10.260 1.00 0.00 ? 10 G   A "H4'"  1 
ATOM   322 H  "H3'"  . G   A 1 10 ? 1.274   -4.863  -11.267 1.00 0.00 ? 10 G   A "H3'"  1 
ATOM   323 H  "H2'"  . G   A 1 10 ? -0.066  -3.083  -10.394 1.00 0.00 ? 10 G   A "H2'"  1 
ATOM   324 H  "HO2'" . G   A 1 10 ? -2.324  -3.983  -9.606  1.00 0.00 ? 10 G   A "HO2'" 1 
ATOM   325 H  "H1'"  . G   A 1 10 ? -1.071  -4.462  -8.149  1.00 0.00 ? 10 G   A "H1'"  1 
ATOM   326 H  H8     . G   A 1 10 ? 2.485   -5.046  -7.705  1.00 0.00 ? 10 G   A H8     1 
ATOM   327 H  H1     . G   A 1 10 ? 1.093   1.192   -7.072  1.00 0.00 ? 10 G   A H1     1 
ATOM   328 H  H21    . G   A 1 10 ? -0.905  1.610   -7.959  1.00 0.00 ? 10 G   A H21    1 
ATOM   329 H  H22    . G   A 1 10 ? -1.954  0.323   -8.511  1.00 0.00 ? 10 G   A H22    1 
ATOM   330 P  P      . U   A 1 11 ? -0.323  -4.458  -13.515 1.00 0.00 ? 11 U   A P      1 
ATOM   331 O  OP1    . U   A 1 11 ? -0.554  -5.315  -14.699 1.00 0.00 ? 11 U   A OP1    1 
ATOM   332 O  OP2    . U   A 1 11 ? 0.956   -3.728  -13.371 1.00 0.00 ? 11 U   A OP2    1 
ATOM   333 O  "O5'"  . U   A 1 11 ? -1.527  -3.393  -13.421 1.00 0.00 ? 11 U   A "O5'"  1 
ATOM   334 C  "C5'"  . U   A 1 11 ? -2.867  -3.778  -13.742 1.00 0.00 ? 11 U   A "C5'"  1 
ATOM   335 C  "C4'"  . U   A 1 11 ? -3.868  -2.697  -13.348 1.00 0.00 ? 11 U   A "C4'"  1 
ATOM   336 O  "O4'"  . U   A 1 11 ? -3.641  -2.325  -11.984 1.00 0.00 ? 11 U   A "O4'"  1 
ATOM   337 C  "C3'"  . U   A 1 11 ? -3.734  -1.394  -14.120 1.00 0.00 ? 11 U   A "C3'"  1 
ATOM   338 O  "O3'"  . U   A 1 11 ? -4.653  -1.452  -15.212 1.00 0.00 ? 11 U   A "O3'"  1 
ATOM   339 C  "C2'"  . U   A 1 11 ? -4.261  -0.357  -13.144 1.00 0.00 ? 11 U   A "C2'"  1 
ATOM   340 O  "O2'"  . U   A 1 11 ? -5.690  -0.326  -13.167 1.00 0.00 ? 11 U   A "O2'"  1 
ATOM   341 C  "C1'"  . U   A 1 11 ? -3.758  -0.902  -11.809 1.00 0.00 ? 11 U   A "C1'"  1 
ATOM   342 N  N1     . U   A 1 11 ? -2.429  -0.358  -11.454 1.00 0.00 ? 11 U   A N1     1 
ATOM   343 C  C2     . U   A 1 11 ? -2.379  0.923   -10.932 1.00 0.00 ? 11 U   A C2     1 
ATOM   344 O  O2     . U   A 1 11 ? -3.387  1.605   -10.756 1.00 0.00 ? 11 U   A O2     1 
ATOM   345 N  N3     . U   A 1 11 ? -1.121  1.400   -10.620 1.00 0.00 ? 11 U   A N3     1 
ATOM   346 C  C4     . U   A 1 11 ? 0.072   0.719   -10.779 1.00 0.00 ? 11 U   A C4     1 
ATOM   347 O  O4     . U   A 1 11 ? 1.131   1.254   -10.461 1.00 0.00 ? 11 U   A O4     1 
ATOM   348 C  C5     . U   A 1 11 ? -0.062  -0.609  -11.328 1.00 0.00 ? 11 U   A C5     1 
ATOM   349 C  C6     . U   A 1 11 ? -1.289  -1.097  -11.642 1.00 0.00 ? 11 U   A C6     1 
ATOM   350 H  "H5'"  . U   A 1 11 ? -3.110  -4.699  -13.213 1.00 0.00 ? 11 U   A "H5'"  1 
ATOM   351 H  "H5''" . U   A 1 11 ? -2.938  -3.954  -14.816 1.00 0.00 ? 11 U   A "H5''" 1 
ATOM   352 H  "H4'"  . U   A 1 11 ? -4.877  -3.097  -13.445 1.00 0.00 ? 11 U   A "H4'"  1 
ATOM   353 H  "H3'"  . U   A 1 11 ? -2.716  -1.194  -14.456 1.00 0.00 ? 11 U   A "H3'"  1 
ATOM   354 H  "H2'"  . U   A 1 11 ? -3.840  0.626   -13.349 1.00 0.00 ? 11 U   A "H2'"  1 
ATOM   355 H  "HO2'" . U   A 1 11 ? -5.996  -0.530  -12.280 1.00 0.00 ? 11 U   A "HO2'" 1 
ATOM   356 H  "H1'"  . U   A 1 11 ? -4.466  -0.692  -11.008 1.00 0.00 ? 11 U   A "H1'"  1 
ATOM   357 H  H3     . U   A 1 11 ? -1.067  2.333   -10.238 1.00 0.00 ? 11 U   A H3     1 
ATOM   358 H  H5     . U   A 1 11 ? 0.824   -1.223  -11.489 1.00 0.00 ? 11 U   A H5     1 
ATOM   359 H  H6     . U   A 1 11 ? -1.371  -2.105  -12.053 1.00 0.00 ? 11 U   A H6     1 
ATOM   360 P  P      . C   A 1 12 ? -4.295  -0.750  -16.617 1.00 0.00 ? 12 C   A P      1 
ATOM   361 O  OP1    . C   A 1 12 ? -5.440  -0.938  -17.536 1.00 0.00 ? 12 C   A OP1    1 
ATOM   362 O  OP2    . C   A 1 12 ? -2.942  -1.192  -17.024 1.00 0.00 ? 12 C   A OP2    1 
ATOM   363 O  "O5'"  . C   A 1 12 ? -4.217  0.808   -16.221 1.00 0.00 ? 12 C   A "O5'"  1 
ATOM   364 C  "C5'"  . C   A 1 12 ? -5.412  1.580   -16.074 1.00 0.00 ? 12 C   A "C5'"  1 
ATOM   365 C  "C4'"  . C   A 1 12 ? -5.104  3.032   -15.726 1.00 0.00 ? 12 C   A "C4'"  1 
ATOM   366 O  "O4'"  . C   A 1 12 ? -4.420  3.085   -14.474 1.00 0.00 ? 12 C   A "O4'"  1 
ATOM   367 C  "C3'"  . C   A 1 12 ? -4.154  3.728   -16.680 1.00 0.00 ? 12 C   A "C3'"  1 
ATOM   368 O  "O3'"  . C   A 1 12 ? -4.948  4.347   -17.696 1.00 0.00 ? 12 C   A "O3'"  1 
ATOM   369 C  "C2'"  . C   A 1 12 ? -3.569  4.844   -15.827 1.00 0.00 ? 12 C   A "C2'"  1 
ATOM   370 O  "O2'"  . C   A 1 12 ? -4.435  5.984   -15.830 1.00 0.00 ? 12 C   A "O2'"  1 
ATOM   371 C  "C1'"  . C   A 1 12 ? -3.524  4.209   -14.434 1.00 0.00 ? 12 C   A "C1'"  1 
ATOM   372 N  N1     . C   A 1 12 ? -2.170  3.720   -14.090 1.00 0.00 ? 12 C   A N1     1 
ATOM   373 C  C2     . C   A 1 12 ? -1.298  4.602   -13.463 1.00 0.00 ? 12 C   A C2     1 
ATOM   374 O  O2     . C   A 1 12 ? -1.660  5.748   -13.205 1.00 0.00 ? 12 C   A O2     1 
ATOM   375 N  N3     . C   A 1 12 ? -0.046  4.171   -13.145 1.00 0.00 ? 12 C   A N3     1 
ATOM   376 C  C4     . C   A 1 12 ? 0.338   2.920   -13.431 1.00 0.00 ? 12 C   A C4     1 
ATOM   377 N  N4     . C   A 1 12 ? 1.576   2.558   -13.096 1.00 0.00 ? 12 C   A N4     1 
ATOM   378 C  C5     . C   A 1 12 ? -0.553  2.006   -14.076 1.00 0.00 ? 12 C   A C5     1 
ATOM   379 C  C6     . C   A 1 12 ? -1.788  2.443   -14.384 1.00 0.00 ? 12 C   A C6     1 
ATOM   380 H  "H5'"  . C   A 1 12 ? -6.020  1.146   -15.280 1.00 0.00 ? 12 C   A "H5'"  1 
ATOM   381 H  "H5''" . C   A 1 12 ? -5.972  1.549   -17.008 1.00 0.00 ? 12 C   A "H5''" 1 
ATOM   382 H  "H4'"  . C   A 1 12 ? -6.041  3.584   -15.644 1.00 0.00 ? 12 C   A "H4'"  1 
ATOM   383 H  "H3'"  . C   A 1 12 ? -3.401  3.063   -17.100 1.00 0.00 ? 12 C   A "H3'"  1 
ATOM   384 H  "H2'"  . C   A 1 12 ? -2.568  5.110   -16.167 1.00 0.00 ? 12 C   A "H2'"  1 
ATOM   385 H  "HO2'" . C   A 1 12 ? -5.114  5.828   -15.169 1.00 0.00 ? 12 C   A "HO2'" 1 
ATOM   386 H  "H1'"  . C   A 1 12 ? -3.869  4.912   -13.673 1.00 0.00 ? 12 C   A "H1'"  1 
ATOM   387 H  H41    . C   A 1 12 ? 2.208   3.235   -12.693 1.00 0.00 ? 12 C   A H41    1 
ATOM   388 H  H42    . C   A 1 12 ? 1.882   1.607   -13.246 1.00 0.00 ? 12 C   A H42    1 
ATOM   389 H  H5     . C   A 1 12 ? -0.250  0.986   -14.313 1.00 0.00 ? 12 C   A H5     1 
ATOM   390 H  H6     . C   A 1 12 ? -2.490  1.772   -14.880 1.00 0.00 ? 12 C   A H6     1 
ATOM   391 P  P      . U   A 1 13 ? -4.523  4.239   -19.246 1.00 0.00 ? 13 U   A P      1 
ATOM   392 O  OP1    . U   A 1 13 ? -5.464  5.057   -20.042 1.00 0.00 ? 13 U   A OP1    1 
ATOM   393 O  OP2    . U   A 1 13 ? -4.331  2.808   -19.574 1.00 0.00 ? 13 U   A OP2    1 
ATOM   394 O  "O5'"  . U   A 1 13 ? -3.084  4.960   -19.270 1.00 0.00 ? 13 U   A "O5'"  1 
ATOM   395 C  "C5'"  . U   A 1 13 ? -2.979  6.370   -19.482 1.00 0.00 ? 13 U   A "C5'"  1 
ATOM   396 C  "C4'"  . U   A 1 13 ? -1.764  6.955   -18.763 1.00 0.00 ? 13 U   A "C4'"  1 
ATOM   397 O  "O4'"  . U   A 1 13 ? -1.551  6.229   -17.549 1.00 0.00 ? 13 U   A "O4'"  1 
ATOM   398 C  "C3'"  . U   A 1 13 ? -0.452  6.824   -19.518 1.00 0.00 ? 13 U   A "C3'"  1 
ATOM   399 O  "O3'"  . U   A 1 13 ? -0.246  8.050   -20.230 1.00 0.00 ? 13 U   A "O3'"  1 
ATOM   400 C  "C2'"  . U   A 1 13 ? 0.587   6.786   -18.409 1.00 0.00 ? 13 U   A "C2'"  1 
ATOM   401 O  "O2'"  . U   A 1 13 ? 0.936   8.112   -18.004 1.00 0.00 ? 13 U   A "O2'"  1 
ATOM   402 C  "C1'"  . U   A 1 13 ? -0.149  6.060   -17.286 1.00 0.00 ? 13 U   A "C1'"  1 
ATOM   403 N  N1     . U   A 1 13 ? 0.165   4.615   -17.266 1.00 0.00 ? 13 U   A N1     1 
ATOM   404 C  C2     . U   A 1 13 ? 1.318   4.212   -16.609 1.00 0.00 ? 13 U   A C2     1 
ATOM   405 O  O2     . U   A 1 13 ? 2.072   5.007   -16.048 1.00 0.00 ? 13 U   A O2     1 
ATOM   406 N  N3     . U   A 1 13 ? 1.580   2.856   -16.624 1.00 0.00 ? 13 U   A N3     1 
ATOM   407 C  C4     . U   A 1 13 ? 0.805   1.883   -17.226 1.00 0.00 ? 13 U   A C4     1 
ATOM   408 O  O4     . U   A 1 13 ? 1.145   0.703   -17.170 1.00 0.00 ? 13 U   A O4     1 
ATOM   409 C  C5     . U   A 1 13 ? -0.380  2.380   -17.889 1.00 0.00 ? 13 U   A C5     1 
ATOM   410 C  C6     . U   A 1 13 ? -0.655  3.709   -17.886 1.00 0.00 ? 13 U   A C6     1 
ATOM   411 H  "H5'"  . U   A 1 13 ? -3.885  6.853   -19.110 1.00 0.00 ? 13 U   A "H5'"  1 
ATOM   412 H  "H5''" . U   A 1 13 ? -2.887  6.564   -20.551 1.00 0.00 ? 13 U   A "H5''" 1 
ATOM   413 H  "H4'"  . U   A 1 13 ? -1.961  8.001   -18.522 1.00 0.00 ? 13 U   A "H4'"  1 
ATOM   414 H  "H3'"  . U   A 1 13 ? -0.415  5.957   -20.178 1.00 0.00 ? 13 U   A "H3'"  1 
ATOM   415 H  "H2'"  . U   A 1 13 ? 1.465   6.225   -18.720 1.00 0.00 ? 13 U   A "H2'"  1 
ATOM   416 H  "HO2'" . U   A 1 13 ? 0.249   8.419   -17.407 1.00 0.00 ? 13 U   A "HO2'" 1 
ATOM   417 H  "H1'"  . U   A 1 13 ? 0.089   6.502   -16.315 1.00 0.00 ? 13 U   A "H1'"  1 
ATOM   418 H  H3     . U   A 1 13 ? 2.416   2.545   -16.151 1.00 0.00 ? 13 U   A H3     1 
ATOM   419 H  H5     . U   A 1 13 ? -1.053  1.687   -18.393 1.00 0.00 ? 13 U   A H5     1 
ATOM   420 H  H6     . U   A 1 13 ? -1.548  4.067   -18.397 1.00 0.00 ? 13 U   A H6     1 
ATOM   421 P  P      . U   A 1 14 ? -0.514  8.148   -21.817 1.00 0.00 ? 14 U   A P      1 
ATOM   422 O  OP1    . U   A 1 14 ? -0.411  9.568   -22.218 1.00 0.00 ? 14 U   A OP1    1 
ATOM   423 O  OP2    . U   A 1 14 ? -1.746  7.386   -22.123 1.00 0.00 ? 14 U   A OP2    1 
ATOM   424 O  "O5'"  . U   A 1 14 ? 0.739   7.351   -22.448 1.00 0.00 ? 14 U   A "O5'"  1 
ATOM   425 C  "C5'"  . U   A 1 14 ? 2.045   7.448   -21.869 1.00 0.00 ? 14 U   A "C5'"  1 
ATOM   426 C  "C4'"  . U   A 1 14 ? 2.838   8.635   -22.412 1.00 0.00 ? 14 U   A "C4'"  1 
ATOM   427 O  "O4'"  . U   A 1 14 ? 2.009   9.806   -22.392 1.00 0.00 ? 14 U   A "O4'"  1 
ATOM   428 C  "C3'"  . U   A 1 14 ? 4.068   8.993   -21.580 1.00 0.00 ? 14 U   A "C3'"  1 
ATOM   429 O  "O3'"  . U   A 1 14 ? 5.060   9.508   -22.468 1.00 0.00 ? 14 U   A "O3'"  1 
ATOM   430 C  "C2'"  . U   A 1 14 ? 3.605   10.148  -20.705 1.00 0.00 ? 14 U   A "C2'"  1 
ATOM   431 O  "O2'"  . U   A 1 14 ? 4.700   11.016  -20.399 1.00 0.00 ? 14 U   A "O2'"  1 
ATOM   432 C  "C1'"  . U   A 1 14 ? 2.602   10.848  -21.609 1.00 0.00 ? 14 U   A "C1'"  1 
ATOM   433 N  N1     . U   A 1 14 ? 1.527   11.519  -20.834 1.00 0.00 ? 14 U   A N1     1 
ATOM   434 C  C2     . U   A 1 14 ? 1.423   12.902  -20.907 1.00 0.00 ? 14 U   A C2     1 
ATOM   435 O  O2     . U   A 1 14 ? 2.189   13.586  -21.582 1.00 0.00 ? 14 U   A O2     1 
ATOM   436 N  N3     . U   A 1 14 ? 0.404   13.473  -20.168 1.00 0.00 ? 14 U   A N3     1 
ATOM   437 C  C4     . U   A 1 14 ? -0.506  12.797  -19.377 1.00 0.00 ? 14 U   A C4     1 
ATOM   438 O  O4     . U   A 1 14 ? -1.373  13.418  -18.768 1.00 0.00 ? 14 U   A O4     1 
ATOM   439 C  C5     . U   A 1 14 ? -0.333  11.363  -19.352 1.00 0.00 ? 14 U   A C5     1 
ATOM   440 C  C6     . U   A 1 14 ? 0.660   10.783  -20.069 1.00 0.00 ? 14 U   A C6     1 
ATOM   441 H  "H5'"  . U   A 1 14 ? 2.594   6.532   -22.085 1.00 0.00 ? 14 U   A "H5'"  1 
ATOM   442 H  "H5''" . U   A 1 14 ? 1.947   7.555   -20.789 1.00 0.00 ? 14 U   A "H5''" 1 
ATOM   443 H  "H4'"  . U   A 1 14 ? 3.125   8.425   -23.443 1.00 0.00 ? 14 U   A "H4'"  1 
ATOM   444 H  "H3'"  . U   A 1 14 ? 4.451   8.153   -21.008 1.00 0.00 ? 14 U   A "H3'"  1 
ATOM   445 H  "H2'"  . U   A 1 14 ? 3.126   9.782   -19.797 1.00 0.00 ? 14 U   A "H2'"  1 
ATOM   446 H  "HO2'" . U   A 1 14 ? 4.344   11.765  -19.916 1.00 0.00 ? 14 U   A "HO2'" 1 
ATOM   447 H  "H1'"  . U   A 1 14 ? 3.103   11.558  -22.273 1.00 0.00 ? 14 U   A "H1'"  1 
ATOM   448 H  H3     . U   A 1 14 ? 0.315   14.478  -20.211 1.00 0.00 ? 14 U   A H3     1 
ATOM   449 H  H5     . U   A 1 14 ? -1.004  10.745  -18.755 1.00 0.00 ? 14 U   A H5     1 
ATOM   450 H  H6     . U   A 1 14 ? 0.772   9.699   -20.037 1.00 0.00 ? 14 U   A H6     1 
ATOM   451 P  P      . C   A 1 15 ? 6.615   9.142   -22.244 1.00 0.00 ? 15 C   A P      1 
ATOM   452 O  OP1    . C   A 1 15 ? 7.396   10.398  -22.278 1.00 0.00 ? 15 C   A OP1    1 
ATOM   453 O  OP2    . C   A 1 15 ? 6.965   8.031   -23.157 1.00 0.00 ? 15 C   A OP2    1 
ATOM   454 O  "O5'"  . C   A 1 15 ? 6.633   8.578   -20.729 1.00 0.00 ? 15 C   A "O5'"  1 
ATOM   455 C  "C5'"  . C   A 1 15 ? 6.838   9.469   -19.627 1.00 0.00 ? 15 C   A "C5'"  1 
ATOM   456 C  "C4'"  . C   A 1 15 ? 7.057   8.721   -18.308 1.00 0.00 ? 15 C   A "C4'"  1 
ATOM   457 O  "O4'"  . C   A 1 15 ? 6.037   7.726   -18.140 1.00 0.00 ? 15 C   A "O4'"  1 
ATOM   458 C  "C3'"  . C   A 1 15 ? 8.371   7.953   -18.218 1.00 0.00 ? 15 C   A "C3'"  1 
ATOM   459 O  "O3'"  . C   A 1 15 ? 8.737   7.931   -16.836 1.00 0.00 ? 15 C   A "O3'"  1 
ATOM   460 C  "C2'"  . C   A 1 15 ? 7.995   6.529   -18.585 1.00 0.00 ? 15 C   A "C2'"  1 
ATOM   461 O  "O2'"  . C   A 1 15 ? 8.899   5.597   -17.989 1.00 0.00 ? 15 C   A "O2'"  1 
ATOM   462 C  "C1'"  . C   A 1 15 ? 6.622   6.426   -17.949 1.00 0.00 ? 15 C   A "C1'"  1 
ATOM   463 N  N1     . C   A 1 15 ? 5.770   5.412   -18.597 1.00 0.00 ? 15 C   A N1     1 
ATOM   464 C  C2     . C   A 1 15 ? 6.203   4.096   -18.586 1.00 0.00 ? 15 C   A C2     1 
ATOM   465 O  O2     . C   A 1 15 ? 7.267   3.801   -18.046 1.00 0.00 ? 15 C   A O2     1 
ATOM   466 N  N3     . C   A 1 15 ? 5.427   3.148   -19.181 1.00 0.00 ? 15 C   A N3     1 
ATOM   467 C  C4     . C   A 1 15 ? 4.267   3.484   -19.764 1.00 0.00 ? 15 C   A C4     1 
ATOM   468 N  N4     . C   A 1 15 ? 3.549   2.514   -20.332 1.00 0.00 ? 15 C   A N4     1 
ATOM   469 C  C5     . C   A 1 15 ? 3.817   4.841   -19.775 1.00 0.00 ? 15 C   A C5     1 
ATOM   470 C  C6     . C   A 1 15 ? 4.598   5.763   -19.183 1.00 0.00 ? 15 C   A C6     1 
ATOM   471 H  "H5'"  . C   A 1 15 ? 5.965   10.113  -19.525 1.00 0.00 ? 15 C   A "H5'"  1 
ATOM   472 H  "H5''" . C   A 1 15 ? 7.712   10.088  -19.831 1.00 0.00 ? 15 C   A "H5''" 1 
ATOM   473 H  "H4'"  . C   A 1 15 ? 6.984   9.437   -17.490 1.00 0.00 ? 15 C   A "H4'"  1 
ATOM   474 H  "H3'"  . C   A 1 15 ? 9.156   8.367   -18.845 1.00 0.00 ? 15 C   A "H3'"  1 
ATOM   475 H  "H2'"  . C   A 1 15 ? 7.941   6.399   -19.666 1.00 0.00 ? 15 C   A "H2'"  1 
ATOM   476 H  "HO2'" . C   A 1 15 ? 8.758   4.748   -18.414 1.00 0.00 ? 15 C   A "HO2'" 1 
ATOM   477 H  "H1'"  . C   A 1 15 ? 6.697   6.212   -16.883 1.00 0.00 ? 15 C   A "H1'"  1 
ATOM   478 H  H41    . C   A 1 15 ? 3.850   1.554   -20.258 1.00 0.00 ? 15 C   A H41    1 
ATOM   479 H  H42    . C   A 1 15 ? 2.703   2.742   -20.835 1.00 0.00 ? 15 C   A H42    1 
ATOM   480 H  H5     . C   A 1 15 ? 2.874   5.126   -20.240 1.00 0.00 ? 15 C   A H5     1 
ATOM   481 H  H6     . C   A 1 15 ? 4.295   6.807   -19.171 1.00 0.00 ? 15 C   A H6     1 
ATOM   482 P  P      . G   A 1 16 ? 10.135  8.550   -16.339 1.00 0.00 ? 16 G   A P      1 
ATOM   483 O  OP1    . G   A 1 16 ? 10.203  9.961   -16.781 1.00 0.00 ? 16 G   A OP1    1 
ATOM   484 O  OP2    . G   A 1 16 ? 11.216  7.609   -16.706 1.00 0.00 ? 16 G   A OP2    1 
ATOM   485 O  "O5'"  . G   A 1 16 ? 9.969   8.530   -14.737 1.00 0.00 ? 16 G   A "O5'"  1 
ATOM   486 C  "C5'"  . G   A 1 16 ? 8.669   8.540   -14.139 1.00 0.00 ? 16 G   A "C5'"  1 
ATOM   487 C  "C4'"  . G   A 1 16 ? 8.196   9.966   -13.858 1.00 0.00 ? 16 G   A "C4'"  1 
ATOM   488 O  "O4'"  . G   A 1 16 ? 7.308   10.391  -14.892 1.00 0.00 ? 16 G   A "O4'"  1 
ATOM   489 C  "C3'"  . G   A 1 16 ? 7.368   10.151  -12.600 1.00 0.00 ? 16 G   A "C3'"  1 
ATOM   490 O  "O3'"  . G   A 1 16 ? 8.275   10.385  -11.521 1.00 0.00 ? 16 G   A "O3'"  1 
ATOM   491 C  "C2'"  . G   A 1 16 ? 6.641   11.459  -12.874 1.00 0.00 ? 16 G   A "C2'"  1 
ATOM   492 O  "O2'"  . G   A 1 16 ? 7.477   12.574  -12.551 1.00 0.00 ? 16 G   A "O2'"  1 
ATOM   493 C  "C1'"  . G   A 1 16 ? 6.402   11.388  -14.387 1.00 0.00 ? 16 G   A "C1'"  1 
ATOM   494 N  N9     . G   A 1 16 ? 5.014   11.006  -14.715 1.00 0.00 ? 16 G   A N9     1 
ATOM   495 C  C8     . G   A 1 16 ? 3.935   11.830  -14.900 1.00 0.00 ? 16 G   A C8     1 
ATOM   496 N  N7     . G   A 1 16 ? 2.831   11.197  -15.175 1.00 0.00 ? 16 G   A N7     1 
ATOM   497 C  C5     . G   A 1 16 ? 3.200   9.859   -15.173 1.00 0.00 ? 16 G   A C5     1 
ATOM   498 C  C6     . G   A 1 16 ? 2.413   8.700   -15.411 1.00 0.00 ? 16 G   A C6     1 
ATOM   499 O  O6     . G   A 1 16 ? 1.215   8.633   -15.674 1.00 0.00 ? 16 G   A O6     1 
ATOM   500 N  N1     . G   A 1 16 ? 3.166   7.543   -15.315 1.00 0.00 ? 16 G   A N1     1 
ATOM   501 C  C2     . G   A 1 16 ? 4.511   7.498   -15.028 1.00 0.00 ? 16 G   A C2     1 
ATOM   502 N  N2     . G   A 1 16 ? 5.071   6.290   -14.976 1.00 0.00 ? 16 G   A N2     1 
ATOM   503 N  N3     . G   A 1 16 ? 5.264   8.581   -14.802 1.00 0.00 ? 16 G   A N3     1 
ATOM   504 C  C4     . G   A 1 16 ? 4.540   9.725   -14.891 1.00 0.00 ? 16 G   A C4     1 
ATOM   505 H  "H5'"  . G   A 1 16 ? 8.705   7.980   -13.205 1.00 0.00 ? 16 G   A "H5'"  1 
ATOM   506 H  "H5''" . G   A 1 16 ? 7.964   8.059   -14.817 1.00 0.00 ? 16 G   A "H5''" 1 
ATOM   507 H  "H4'"  . G   A 1 16 ? 9.062   10.628  -13.844 1.00 0.00 ? 16 G   A "H4'"  1 
ATOM   508 H  "H3'"  . G   A 1 16 ? 6.698   9.316   -12.397 1.00 0.00 ? 16 G   A "H3'"  1 
ATOM   509 H  "H2'"  . G   A 1 16 ? 5.698   11.503  -12.330 1.00 0.00 ? 16 G   A "H2'"  1 
ATOM   510 H  "HO2'" . G   A 1 16 ? 7.836   12.910  -13.376 1.00 0.00 ? 16 G   A "HO2'" 1 
ATOM   511 H  "H1'"  . G   A 1 16 ? 6.628   12.345  -14.857 1.00 0.00 ? 16 G   A "H1'"  1 
ATOM   512 H  H8     . G   A 1 16 ? 3.995   12.914  -14.820 1.00 0.00 ? 16 G   A H8     1 
ATOM   513 H  H1     . G   A 1 16 ? 2.686   6.669   -15.470 1.00 0.00 ? 16 G   A H1     1 
ATOM   514 H  H21    . G   A 1 16 ? 4.526   5.471   -15.205 1.00 0.00 ? 16 G   A H21    1 
ATOM   515 H  H22    . G   A 1 16 ? 6.040   6.194   -14.707 1.00 0.00 ? 16 G   A H22    1 
ATOM   516 P  P      . G   A 1 17 ? 8.613   9.210   -10.472 1.00 0.00 ? 17 G   A P      1 
ATOM   517 O  OP1    . G   A 1 17 ? 10.031  9.342   -10.073 1.00 0.00 ? 17 G   A OP1    1 
ATOM   518 O  OP2    . G   A 1 17 ? 8.121   7.933   -11.035 1.00 0.00 ? 17 G   A OP2    1 
ATOM   519 O  "O5'"  . G   A 1 17 ? 7.694   9.588   -9.202  1.00 0.00 ? 17 G   A "O5'"  1 
ATOM   520 C  "C5'"  . G   A 1 17 ? 7.282   10.939  -8.957  1.00 0.00 ? 17 G   A "C5'"  1 
ATOM   521 C  "C4'"  . G   A 1 17 ? 5.781   11.120  -9.170  1.00 0.00 ? 17 G   A "C4'"  1 
ATOM   522 O  "O4'"  . G   A 1 17 ? 5.424   10.674  -10.482 1.00 0.00 ? 17 G   A "O4'"  1 
ATOM   523 C  "C3'"  . G   A 1 17 ? 4.900   10.289  -8.256  1.00 0.00 ? 17 G   A "C3'"  1 
ATOM   524 O  "O3'"  . G   A 1 17 ? 4.633   11.071  -7.089  1.00 0.00 ? 17 G   A "O3'"  1 
ATOM   525 C  "C2'"  . G   A 1 17 ? 3.603   10.193  -9.040  1.00 0.00 ? 17 G   A "C2'"  1 
ATOM   526 O  "O2'"  . G   A 1 17 ? 2.824   11.380  -8.874  1.00 0.00 ? 17 G   A "O2'"  1 
ATOM   527 C  "C1'"  . G   A 1 17 ? 4.111   10.082  -10.477 1.00 0.00 ? 17 G   A "C1'"  1 
ATOM   528 N  N9     . G   A 1 17 ? 4.221   8.680   -10.921 1.00 0.00 ? 17 G   A N9     1 
ATOM   529 C  C8     . G   A 1 17 ? 5.264   7.809   -10.750 1.00 0.00 ? 17 G   A C8     1 
ATOM   530 N  N7     . G   A 1 17 ? 5.051   6.628   -11.260 1.00 0.00 ? 17 G   A N7     1 
ATOM   531 C  C5     . G   A 1 17 ? 3.776   6.722   -11.807 1.00 0.00 ? 17 G   A C5     1 
ATOM   532 C  C6     . G   A 1 17 ? 3.007   5.748   -12.499 1.00 0.00 ? 17 G   A C6     1 
ATOM   533 O  O6     . G   A 1 17 ? 3.309   4.587   -12.767 1.00 0.00 ? 17 G   A O6     1 
ATOM   534 N  N1     . G   A 1 17 ? 1.774   6.250   -12.885 1.00 0.00 ? 17 G   A N1     1 
ATOM   535 C  C2     . G   A 1 17 ? 1.331   7.530   -12.640 1.00 0.00 ? 17 G   A C2     1 
ATOM   536 N  N2     . G   A 1 17 ? 0.113   7.843   -13.084 1.00 0.00 ? 17 G   A N2     1 
ATOM   537 N  N3     . G   A 1 17 ? 2.046   8.454   -11.992 1.00 0.00 ? 17 G   A N3     1 
ATOM   538 C  C4     . G   A 1 17 ? 3.256   7.979   -11.606 1.00 0.00 ? 17 G   A C4     1 
ATOM   539 H  "H5'"  . G   A 1 17 ? 7.818   11.610  -9.630  1.00 0.00 ? 17 G   A "H5'"  1 
ATOM   540 H  "H5''" . G   A 1 17 ? 7.526   11.202  -7.928  1.00 0.00 ? 17 G   A "H5''" 1 
ATOM   541 H  "H4'"  . G   A 1 17 ? 5.537   12.179  -9.077  1.00 0.00 ? 17 G   A "H4'"  1 
ATOM   542 H  "H3'"  . G   A 1 17 ? 5.329   9.318   -8.006  1.00 0.00 ? 17 G   A "H3'"  1 
ATOM   543 H  "H2'"  . G   A 1 17 ? 3.038   9.307   -8.758  1.00 0.00 ? 17 G   A "H2'"  1 
ATOM   544 H  "HO2'" . G   A 1 17 ? 3.028   11.735  -8.006  1.00 0.00 ? 17 G   A "HO2'" 1 
ATOM   545 H  "H1'"  . G   A 1 17 ? 3.463   10.628  -11.161 1.00 0.00 ? 17 G   A "H1'"  1 
ATOM   546 H  H8     . G   A 1 17 ? 6.184   8.077   -10.233 1.00 0.00 ? 17 G   A H8     1 
ATOM   547 H  H1     . G   A 1 17 ? 1.159   5.625   -13.384 1.00 0.00 ? 17 G   A H1     1 
ATOM   548 H  H21    . G   A 1 17 ? -0.420  7.167   -13.613 1.00 0.00 ? 17 G   A H21    1 
ATOM   549 H  H22    . G   A 1 17 ? -0.276  8.755   -12.892 1.00 0.00 ? 17 G   A H22    1 
ATOM   550 P  P      . A   A 1 18 ? 4.289   10.355  -5.688  1.00 0.00 ? 18 A   A P      1 
ATOM   551 O  OP1    . A   A 1 18 ? 4.313   11.384  -4.624  1.00 0.00 ? 18 A   A OP1    1 
ATOM   552 O  OP2    . A   A 1 18 ? 5.137   9.148   -5.564  1.00 0.00 ? 18 A   A OP2    1 
ATOM   553 O  "O5'"  . A   A 1 18 ? 2.764   9.881   -5.898  1.00 0.00 ? 18 A   A "O5'"  1 
ATOM   554 C  "C5'"  . A   A 1 18 ? 1.692   10.821  -5.781  1.00 0.00 ? 18 A   A "C5'"  1 
ATOM   555 C  "C4'"  . A   A 1 18 ? 0.330   10.143  -5.891  1.00 0.00 ? 18 A   A "C4'"  1 
ATOM   556 O  "O4'"  . A   A 1 18 ? 0.145   9.660   -7.226  1.00 0.00 ? 18 A   A "O4'"  1 
ATOM   557 C  "C3'"  . A   A 1 18 ? 0.154   8.907   -5.028  1.00 0.00 ? 18 A   A "C3'"  1 
ATOM   558 O  "O3'"  . A   A 1 18 ? -0.402  9.333   -3.781  1.00 0.00 ? 18 A   A "O3'"  1 
ATOM   559 C  "C2'"  . A   A 1 18 ? -0.933  8.139   -5.763  1.00 0.00 ? 18 A   A "C2'"  1 
ATOM   560 O  "O2'"  . A   A 1 18 ? -2.223  8.668   -5.447  1.00 0.00 ? 18 A   A "O2'"  1 
ATOM   561 C  "C1'"  . A   A 1 18 ? -0.582  8.418   -7.222  1.00 0.00 ? 18 A   A "C1'"  1 
ATOM   562 N  N9     . A   A 1 18 ? 0.273   7.366   -7.804  1.00 0.00 ? 18 A   A N9     1 
ATOM   563 C  C8     . A   A 1 18 ? 1.630   7.198   -7.686  1.00 0.00 ? 18 A   A C8     1 
ATOM   564 N  N7     . A   A 1 18 ? 2.085   6.157   -8.326  1.00 0.00 ? 18 A   A N7     1 
ATOM   565 C  C5     . A   A 1 18 ? 0.951   5.601   -8.906  1.00 0.00 ? 18 A   A C5     1 
ATOM   566 C  C6     . A   A 1 18 ? 0.755   4.473   -9.719  1.00 0.00 ? 18 A   A C6     1 
ATOM   567 N  N6     . A   A 1 18 ? 1.740   3.664   -10.106 1.00 0.00 ? 18 A   A N6     1 
ATOM   568 N  N1     . A   A 1 18 ? -0.498  4.203   -10.121 1.00 0.00 ? 18 A   A N1     1 
ATOM   569 C  C2     . A   A 1 18 ? -1.486  5.003   -9.739  1.00 0.00 ? 18 A   A C2     1 
ATOM   570 N  N3     . A   A 1 18 ? -1.432  6.088   -8.981  1.00 0.00 ? 18 A   A N3     1 
ATOM   571 C  C4     . A   A 1 18 ? -0.160  6.329   -8.595  1.00 0.00 ? 18 A   A C4     1 
ATOM   572 H  "H5'"  . A   A 1 18 ? 1.785   11.563  -6.574  1.00 0.00 ? 18 A   A "H5'"  1 
ATOM   573 H  "H5''" . A   A 1 18 ? 1.764   11.322  -4.816  1.00 0.00 ? 18 A   A "H5''" 1 
ATOM   574 H  "H4'"  . A   A 1 18 ? -0.446  10.877  -5.670  1.00 0.00 ? 18 A   A "H4'"  1 
ATOM   575 H  "H3'"  . A   A 1 18 ? 1.073   8.337   -4.893  1.00 0.00 ? 18 A   A "H3'"  1 
ATOM   576 H  "H2'"  . A   A 1 18 ? -0.879  7.074   -5.547  1.00 0.00 ? 18 A   A "H2'"  1 
ATOM   577 H  "HO2'" . A   A 1 18 ? -2.532  9.146   -6.220  1.00 0.00 ? 18 A   A "HO2'" 1 
ATOM   578 H  "H1'"  . A   A 1 18 ? -1.482  8.523   -7.823  1.00 0.00 ? 18 A   A "H1'"  1 
ATOM   579 H  H8     . A   A 1 18 ? 2.267   7.870   -7.111  1.00 0.00 ? 18 A   A H8     1 
ATOM   580 H  H61    . A   A 1 18 ? 1.549   2.904   -10.745 1.00 0.00 ? 18 A   A H61    1 
ATOM   581 H  H62    . A   A 1 18 ? 2.679   3.810   -9.762  1.00 0.00 ? 18 A   A H62    1 
ATOM   582 H  H2     . A   A 1 18 ? -2.478  4.730   -10.099 1.00 0.00 ? 18 A   A H2     1 
ATOM   583 P  P      . C   A 1 19 ? -0.154  8.473   -2.442  1.00 0.00 ? 19 C   A P      1 
ATOM   584 O  OP1    . C   A 1 19 ? -0.751  9.208   -1.304  1.00 0.00 ? 19 C   A OP1    1 
ATOM   585 O  OP2    . C   A 1 19 ? 1.271   8.080   -2.400  1.00 0.00 ? 19 C   A OP2    1 
ATOM   586 O  "O5'"  . C   A 1 19 ? -1.034  7.151   -2.704  1.00 0.00 ? 19 C   A "O5'"  1 
ATOM   587 C  "C5'"  . C   A 1 19 ? -2.463  7.220   -2.714  1.00 0.00 ? 19 C   A "C5'"  1 
ATOM   588 C  "C4'"  . C   A 1 19 ? -3.073  6.124   -3.585  1.00 0.00 ? 19 C   A "C4'"  1 
ATOM   589 O  "O4'"  . C   A 1 19 ? -2.232  5.903   -4.721  1.00 0.00 ? 19 C   A "O4'"  1 
ATOM   590 C  "C3'"  . C   A 1 19 ? -3.159  4.759   -2.927  1.00 0.00 ? 19 C   A "C3'"  1 
ATOM   591 O  "O3'"  . C   A 1 19 ? -4.438  4.671   -2.297  1.00 0.00 ? 19 C   A "O3'"  1 
ATOM   592 C  "C2'"  . C   A 1 19 ? -3.177  3.811   -4.115  1.00 0.00 ? 19 C   A "C2'"  1 
ATOM   593 O  "O2'"  . C   A 1 19 ? -4.498  3.710   -4.656  1.00 0.00 ? 19 C   A "O2'"  1 
ATOM   594 C  "C1'"  . C   A 1 19 ? -2.245  4.515   -5.102  1.00 0.00 ? 19 C   A "C1'"  1 
ATOM   595 N  N1     . C   A 1 19 ? -0.867  3.981   -5.036  1.00 0.00 ? 19 C   A N1     1 
ATOM   596 C  C2     . C   A 1 19 ? -0.623  2.759   -5.644  1.00 0.00 ? 19 C   A C2     1 
ATOM   597 O  O2     . C   A 1 19 ? -1.533  2.163   -6.218  1.00 0.00 ? 19 C   A O2     1 
ATOM   598 N  N3     . C   A 1 19 ? 0.633   2.239   -5.589  1.00 0.00 ? 19 C   A N3     1 
ATOM   599 C  C4     . C   A 1 19 ? 1.618   2.895   -4.961  1.00 0.00 ? 19 C   A C4     1 
ATOM   600 N  N4     . C   A 1 19 ? 2.827   2.334   -4.942  1.00 0.00 ? 19 C   A N4     1 
ATOM   601 C  C5     . C   A 1 19 ? 1.375   4.157   -4.332  1.00 0.00 ? 19 C   A C5     1 
ATOM   602 C  C6     . C   A 1 19 ? 0.128   4.661   -4.393  1.00 0.00 ? 19 C   A C6     1 
ATOM   603 H  "H5'"  . C   A 1 19 ? -2.768  8.195   -3.097  1.00 0.00 ? 19 C   A "H5'"  1 
ATOM   604 H  "H5''" . C   A 1 19 ? -2.830  7.109   -1.693  1.00 0.00 ? 19 C   A "H5''" 1 
ATOM   605 H  "H4'"  . C   A 1 19 ? -4.056  6.447   -3.928  1.00 0.00 ? 19 C   A "H4'"  1 
ATOM   606 H  "H3'"  . C   A 1 19 ? -2.345  4.563   -2.229  1.00 0.00 ? 19 C   A "H3'"  1 
ATOM   607 H  "H2'"  . C   A 1 19 ? -2.787  2.832   -3.840  1.00 0.00 ? 19 C   A "H2'"  1 
ATOM   608 H  "HO2'" . C   A 1 19 ? -4.749  2.785   -4.623  1.00 0.00 ? 19 C   A "HO2'" 1 
ATOM   609 H  "H1'"  . C   A 1 19 ? -2.619  4.425   -6.122  1.00 0.00 ? 19 C   A "H1'"  1 
ATOM   610 H  H41    . C   A 1 19 ? 2.985   1.456   -5.416  1.00 0.00 ? 19 C   A H41    1 
ATOM   611 H  H42    . C   A 1 19 ? 3.587   2.788   -4.455  1.00 0.00 ? 19 C   A H42    1 
ATOM   612 H  H5     . C   A 1 19 ? 2.167   4.698   -3.814  1.00 0.00 ? 19 C   A H5     1 
ATOM   613 H  H6     . C   A 1 19 ? -0.090  5.620   -3.925  1.00 0.00 ? 19 C   A H6     1 
ATOM   614 P  P      . C   A 1 20 ? -4.662  3.688   -1.040  1.00 0.00 ? 20 C   A P      1 
ATOM   615 O  OP1    . C   A 1 20 ? -5.835  4.171   -0.278  1.00 0.00 ? 20 C   A OP1    1 
ATOM   616 O  OP2    . C   A 1 20 ? -3.361  3.508   -0.356  1.00 0.00 ? 20 C   A OP2    1 
ATOM   617 O  "O5'"  . C   A 1 20 ? -5.058  2.296   -1.746  1.00 0.00 ? 20 C   A "O5'"  1 
ATOM   618 C  "C5'"  . C   A 1 20 ? -6.404  2.056   -2.163  1.00 0.00 ? 20 C   A "C5'"  1 
ATOM   619 C  "C4'"  . C   A 1 20 ? -6.566  0.671   -2.782  1.00 0.00 ? 20 C   A "C4'"  1 
ATOM   620 O  "O4'"  . C   A 1 20 ? -5.696  0.549   -3.912  1.00 0.00 ? 20 C   A "O4'"  1 
ATOM   621 C  "C3'"  . C   A 1 20 ? -6.157  -0.485  -1.890  1.00 0.00 ? 20 C   A "C3'"  1 
ATOM   622 O  "O3'"  . C   A 1 20 ? -7.312  -0.888  -1.150  1.00 0.00 ? 20 C   A "O3'"  1 
ATOM   623 C  "C2'"  . C   A 1 20 ? -5.857  -1.584  -2.895  1.00 0.00 ? 20 C   A "C2'"  1 
ATOM   624 O  "O2'"  . C   A 1 20 ? -7.068  -2.197  -3.345  1.00 0.00 ? 20 C   A "O2'"  1 
ATOM   625 C  "C1'"  . C   A 1 20 ? -5.200  -0.797  -4.028  1.00 0.00 ? 20 C   A "C1'"  1 
ATOM   626 N  N1     . C   A 1 20 ? -3.723  -0.772  -3.908  1.00 0.00 ? 20 C   A N1     1 
ATOM   627 C  C2     . C   A 1 20 ? -3.000  -1.781  -4.533  1.00 0.00 ? 20 C   A C2     1 
ATOM   628 O  O2     . C   A 1 20 ? -3.583  -2.659  -5.165  1.00 0.00 ? 20 C   A O2     1 
ATOM   629 N  N3     . C   A 1 20 ? -1.642  -1.773  -4.429  1.00 0.00 ? 20 C   A N3     1 
ATOM   630 C  C4     . C   A 1 20 ? -1.015  -0.812  -3.739  1.00 0.00 ? 20 C   A C4     1 
ATOM   631 N  N4     . C   A 1 20 ? 0.316   -0.856  -3.677  1.00 0.00 ? 20 C   A N4     1 
ATOM   632 C  C5     . C   A 1 20 ? -1.752  0.230   -3.093  1.00 0.00 ? 20 C   A C5     1 
ATOM   633 C  C6     . C   A 1 20 ? -3.095  0.212   -3.202  1.00 0.00 ? 20 C   A C6     1 
ATOM   634 H  "H5'"  . C   A 1 20 ? -6.686  2.808   -2.899  1.00 0.00 ? 20 C   A "H5'"  1 
ATOM   635 H  "H5''" . C   A 1 20 ? -7.063  2.138   -1.299  1.00 0.00 ? 20 C   A "H5''" 1 
ATOM   636 H  "H4'"  . C   A 1 20 ? -7.597  0.551   -3.114  1.00 0.00 ? 20 C   A "H4'"  1 
ATOM   637 H  "H3'"  . C   A 1 20 ? -5.314  -0.254  -1.237  1.00 0.00 ? 20 C   A "H3'"  1 
ATOM   638 H  "H2'"  . C   A 1 20 ? -5.172  -2.321  -2.481  1.00 0.00 ? 20 C   A "H2'"  1 
ATOM   639 H  "HO2'" . C   A 1 20 ? -7.211  -1.916  -4.252  1.00 0.00 ? 20 C   A "HO2'" 1 
ATOM   640 H  "H1'"  . C   A 1 20 ? -5.487  -1.202  -4.999  1.00 0.00 ? 20 C   A "H1'"  1 
ATOM   641 H  H41    . C   A 1 20 ? 0.815   -1.636  -4.081  1.00 0.00 ? 20 C   A H41    1 
ATOM   642 H  H42    . C   A 1 20 ? 0.825   -0.110  -3.226  1.00 0.00 ? 20 C   A H42    1 
ATOM   643 H  H5     . C   A 1 20 ? -1.252  1.016   -2.527  1.00 0.00 ? 20 C   A H5     1 
ATOM   644 H  H6     . C   A 1 20 ? -3.685  0.988   -2.717  1.00 0.00 ? 20 C   A H6     1 
ATOM   645 P  P      . G   A 1 21 ? -7.150  -1.644  0.262   1.00 0.00 ? 21 G   A P      1 
ATOM   646 O  OP1    . G   A 1 21 ? -8.463  -1.636  0.945   1.00 0.00 ? 21 G   A OP1    1 
ATOM   647 O  OP2    . G   A 1 21 ? -5.958  -1.095  0.947   1.00 0.00 ? 21 G   A OP2    1 
ATOM   648 O  "O5'"  . G   A 1 21 ? -6.822  -3.156  -0.184  1.00 0.00 ? 21 G   A "O5'"  1 
ATOM   649 C  "C5'"  . G   A 1 21 ? -7.712  -3.863  -1.051  1.00 0.00 ? 21 G   A "C5'"  1 
ATOM   650 C  "C4'"  . G   A 1 21 ? -7.132  -5.206  -1.486  1.00 0.00 ? 21 G   A "C4'"  1 
ATOM   651 O  "O4'"  . G   A 1 21 ? -5.909  -4.992  -2.194  1.00 0.00 ? 21 G   A "O4'"  1 
ATOM   652 C  "C3'"  . G   A 1 21 ? -6.729  -6.129  -0.353  1.00 0.00 ? 21 G   A "C3'"  1 
ATOM   653 O  "O3'"  . G   A 1 21 ? -7.869  -6.924  -0.019  1.00 0.00 ? 21 G   A "O3'"  1 
ATOM   654 C  "C2'"  . G   A 1 21 ? -5.719  -7.047  -1.021  1.00 0.00 ? 21 G   A "C2'"  1 
ATOM   655 O  "O2'"  . G   A 1 21 ? -6.386  -8.075  -1.758  1.00 0.00 ? 21 G   A "O2'"  1 
ATOM   656 C  "C1'"  . G   A 1 21 ? -4.999  -6.085  -1.969  1.00 0.00 ? 21 G   A "C1'"  1 
ATOM   657 N  N9     . G   A 1 21 ? -3.754  -5.557  -1.381  1.00 0.00 ? 21 G   A N9     1 
ATOM   658 C  C8     . G   A 1 21 ? -3.528  -4.332  -0.806  1.00 0.00 ? 21 G   A C8     1 
ATOM   659 N  N7     . G   A 1 21 ? -2.310  -4.176  -0.367  1.00 0.00 ? 21 G   A N7     1 
ATOM   660 C  C5     . G   A 1 21 ? -1.684  -5.379  -0.672  1.00 0.00 ? 21 G   A C5     1 
ATOM   661 C  C6     . G   A 1 21 ? -0.347  -5.799  -0.433  1.00 0.00 ? 21 G   A C6     1 
ATOM   662 O  O6     . G   A 1 21 ? 0.563   -5.173  0.106   1.00 0.00 ? 21 G   A O6     1 
ATOM   663 N  N1     . G   A 1 21 ? -0.125  -7.085  -0.898  1.00 0.00 ? 21 G   A N1     1 
ATOM   664 C  C2     . G   A 1 21 ? -1.067  -7.876  -1.515  1.00 0.00 ? 21 G   A C2     1 
ATOM   665 N  N2     . G   A 1 21 ? -0.676  -9.090  -1.903  1.00 0.00 ? 21 G   A N2     1 
ATOM   666 N  N3     . G   A 1 21 ? -2.325  -7.493  -1.744  1.00 0.00 ? 21 G   A N3     1 
ATOM   667 C  C4     . G   A 1 21 ? -2.561  -6.235  -1.296  1.00 0.00 ? 21 G   A C4     1 
ATOM   668 H  "H5'"  . G   A 1 21 ? -7.901  -3.254  -1.936  1.00 0.00 ? 21 G   A "H5'"  1 
ATOM   669 H  "H5''" . G   A 1 21 ? -8.653  -4.035  -0.531  1.00 0.00 ? 21 G   A "H5''" 1 
ATOM   670 H  "H4'"  . G   A 1 21 ? -7.844  -5.699  -2.148  1.00 0.00 ? 21 G   A "H4'"  1 
ATOM   671 H  "H3'"  . G   A 1 21 ? -6.330  -5.604  0.515   1.00 0.00 ? 21 G   A "H3'"  1 
ATOM   672 H  "H2'"  . G   A 1 21 ? -5.029  -7.468  -0.292  1.00 0.00 ? 21 G   A "H2'"  1 
ATOM   673 H  "HO2'" . G   A 1 21 ? -6.192  -7.932  -2.688  1.00 0.00 ? 21 G   A "HO2'" 1 
ATOM   674 H  "H1'"  . G   A 1 21 ? -4.774  -6.570  -2.919  1.00 0.00 ? 21 G   A "H1'"  1 
ATOM   675 H  H8     . G   A 1 21 ? -4.294  -3.562  -0.722  1.00 0.00 ? 21 G   A H8     1 
ATOM   676 H  H1     . G   A 1 21 ? 0.802   -7.466  -0.768  1.00 0.00 ? 21 G   A H1     1 
ATOM   677 H  H21    . G   A 1 21 ? 0.268   -9.398  -1.725  1.00 0.00 ? 21 G   A H21    1 
ATOM   678 H  H22    . G   A 1 21 ? -1.326  -9.702  -2.375  1.00 0.00 ? 21 G   A H22    1 
ATOM   679 P  P      . G   A 1 22 ? -8.008  -7.571  1.448   1.00 0.00 ? 22 G   A P      1 
ATOM   680 O  OP1    . G   A 1 22 ? -9.194  -8.457  1.454   1.00 0.00 ? 22 G   A OP1    1 
ATOM   681 O  OP2    . G   A 1 22 ? -7.895  -6.483  2.446   1.00 0.00 ? 22 G   A OP2    1 
ATOM   682 O  "O5'"  . G   A 1 22 ? -6.690  -8.491  1.555   1.00 0.00 ? 22 G   A "O5'"  1 
ATOM   683 C  "C5'"  . G   A 1 22 ? -6.600  -9.712  0.817   1.00 0.00 ? 22 G   A "C5'"  1 
ATOM   684 C  "C4'"  . G   A 1 22 ? -5.471  -10.604 1.328   1.00 0.00 ? 22 G   A "C4'"  1 
ATOM   685 O  "O4'"  . G   A 1 22 ? -4.218  -10.120 0.838   1.00 0.00 ? 22 G   A "O4'"  1 
ATOM   686 C  "C3'"  . G   A 1 22 ? -5.281  -10.610 2.831   1.00 0.00 ? 22 G   A "C3'"  1 
ATOM   687 O  "O3'"  . G   A 1 22 ? -6.121  -11.636 3.365   1.00 0.00 ? 22 G   A "O3'"  1 
ATOM   688 C  "C2'"  . G   A 1 22 ? -3.843  -11.082 2.976   1.00 0.00 ? 22 G   A "C2'"  1 
ATOM   689 O  "O2'"  . G   A 1 22 ? -3.768  -12.504 2.859   1.00 0.00 ? 22 G   A "O2'"  1 
ATOM   690 C  "C1'"  . G   A 1 22 ? -3.167  -10.409 1.779   1.00 0.00 ? 22 G   A "C1'"  1 
ATOM   691 N  N9     . G   A 1 22 ? -2.501  -9.146  2.152   1.00 0.00 ? 22 G   A N9     1 
ATOM   692 C  C8     . G   A 1 22 ? -3.006  -7.872  2.130   1.00 0.00 ? 22 G   A C8     1 
ATOM   693 N  N7     . G   A 1 22 ? -2.156  -6.965  2.523   1.00 0.00 ? 22 G   A N7     1 
ATOM   694 C  C5     . G   A 1 22 ? -1.009  -7.688  2.830   1.00 0.00 ? 22 G   A C5     1 
ATOM   695 C  C6     . G   A 1 22 ? 0.252   -7.240  3.309   1.00 0.00 ? 22 G   A C6     1 
ATOM   696 O  O6     . G   A 1 22 ? 0.606   -6.090  3.563   1.00 0.00 ? 22 G   A O6     1 
ATOM   697 N  N1     . G   A 1 22 ? 1.136   -8.292  3.487   1.00 0.00 ? 22 G   A N1     1 
ATOM   698 C  C2     . G   A 1 22 ? 0.849   -9.615  3.237   1.00 0.00 ? 22 G   A C2     1 
ATOM   699 N  N2     . G   A 1 22 ? 1.821   -10.498 3.468   1.00 0.00 ? 22 G   A N2     1 
ATOM   700 N  N3     . G   A 1 22 ? -0.332  -10.048 2.785   1.00 0.00 ? 22 G   A N3     1 
ATOM   701 C  C4     . G   A 1 22 ? -1.209  -9.030  2.605   1.00 0.00 ? 22 G   A C4     1 
ATOM   702 H  "H5'"  . G   A 1 22 ? -6.421  -9.480  -0.233  1.00 0.00 ? 22 G   A "H5'"  1 
ATOM   703 H  "H5''" . G   A 1 22 ? -7.544  -10.250 0.907   1.00 0.00 ? 22 G   A "H5''" 1 
ATOM   704 H  "H4'"  . G   A 1 22 ? -5.627  -11.616 0.958   1.00 0.00 ? 22 G   A "H4'"  1 
ATOM   705 H  "H3'"  . G   A 1 22 ? -5.470  -9.643  3.297   1.00 0.00 ? 22 G   A "H3'"  1 
ATOM   706 H  "H2'"  . G   A 1 22 ? -3.408  -10.739 3.914   1.00 0.00 ? 22 G   A "H2'"  1 
ATOM   707 H  "HO2'" . G   A 1 22 ? -3.035  -12.703 2.271   1.00 0.00 ? 22 G   A "HO2'" 1 
ATOM   708 H  "H1'"  . G   A 1 22 ? -2.441  -11.076 1.317   1.00 0.00 ? 22 G   A "H1'"  1 
ATOM   709 H  H8     . G   A 1 22 ? -4.022  -7.640  1.815   1.00 0.00 ? 22 G   A H8     1 
ATOM   710 H  H1     . G   A 1 22 ? 2.058   -8.065  3.826   1.00 0.00 ? 22 G   A H1     1 
ATOM   711 H  H21    . G   A 1 22 ? 2.727   -10.181 3.782   1.00 0.00 ? 22 G   A H21    1 
ATOM   712 H  H22    . G   A 1 22 ? 1.651   -11.484 3.329   1.00 0.00 ? 22 G   A H22    1 
ATOM   713 P  P      . C   A 1 23 ? -6.896  -11.410 4.758   1.00 0.00 ? 23 C   A P      1 
ATOM   714 O  OP1    . C   A 1 23 ? -7.651  -12.644 5.074   1.00 0.00 ? 23 C   A OP1    1 
ATOM   715 O  OP2    . C   A 1 23 ? -7.600  -10.110 4.691   1.00 0.00 ? 23 C   A OP2    1 
ATOM   716 O  "O5'"  . C   A 1 23 ? -5.687  -11.274 5.814   1.00 0.00 ? 23 C   A "O5'"  1 
ATOM   717 C  "C5'"  . C   A 1 23 ? -5.444  -12.307 6.773   1.00 0.00 ? 23 C   A "C5'"  1 
ATOM   718 C  "C4'"  . C   A 1 23 ? -4.191  -12.028 7.598   1.00 0.00 ? 23 C   A "C4'"  1 
ATOM   719 O  "O4'"  . C   A 1 23 ? -3.166  -11.511 6.749   1.00 0.00 ? 23 C   A "O4'"  1 
ATOM   720 C  "C3'"  . C   A 1 23 ? -4.346  -10.954 8.656   1.00 0.00 ? 23 C   A "C3'"  1 
ATOM   721 O  "O3'"  . C   A 1 23 ? -4.775  -11.600 9.857   1.00 0.00 ? 23 C   A "O3'"  1 
ATOM   722 C  "C2'"  . C   A 1 23 ? -2.914  -10.494 8.881   1.00 0.00 ? 23 C   A "C2'"  1 
ATOM   723 O  "O2'"  . C   A 1 23 ? -2.244  -11.368 9.793   1.00 0.00 ? 23 C   A "O2'"  1 
ATOM   724 C  "C1'"  . C   A 1 23 ? -2.310  -10.614 7.479   1.00 0.00 ? 23 C   A "C1'"  1 
ATOM   725 N  N1     . C   A 1 23 ? -2.273  -9.313  6.775   1.00 0.00 ? 23 C   A N1     1 
ATOM   726 C  C2     . C   A 1 23 ? -1.175  -8.491  6.988   1.00 0.00 ? 23 C   A C2     1 
ATOM   727 O  O2     . C   A 1 23 ? -0.269  -8.852  7.737   1.00 0.00 ? 23 C   A O2     1 
ATOM   728 N  N3     . C   A 1 23 ? -1.126  -7.287  6.355   1.00 0.00 ? 23 C   A N3     1 
ATOM   729 C  C4     . C   A 1 23 ? -2.118  -6.901  5.541   1.00 0.00 ? 23 C   A C4     1 
ATOM   730 N  N4     . C   A 1 23 ? -2.012  -5.711  4.950   1.00 0.00 ? 23 C   A N4     1 
ATOM   731 C  C5     . C   A 1 23 ? -3.252  -7.743  5.316   1.00 0.00 ? 23 C   A C5     1 
ATOM   732 C  C6     . C   A 1 23 ? -3.290  -8.932  5.948   1.00 0.00 ? 23 C   A C6     1 
ATOM   733 H  "H5'"  . C   A 1 23 ? -5.323  -13.255 6.251   1.00 0.00 ? 23 C   A "H5'"  1 
ATOM   734 H  "H5''" . C   A 1 23 ? -6.302  -12.377 7.443   1.00 0.00 ? 23 C   A "H5''" 1 
ATOM   735 H  "H4'"  . C   A 1 23 ? -3.846  -12.960 8.045   1.00 0.00 ? 23 C   A "H4'"  1 
ATOM   736 H  "H3'"  . C   A 1 23 ? -5.020  -10.150 8.363   1.00 0.00 ? 23 C   A "H3'"  1 
ATOM   737 H  "H2'"  . C   A 1 23 ? -2.885  -9.464  9.229   1.00 0.00 ? 23 C   A "H2'"  1 
ATOM   738 H  "HO2'" . C   A 1 23 ? -1.841  -12.069 9.274   1.00 0.00 ? 23 C   A "HO2'" 1 
ATOM   739 H  "H1'"  . C   A 1 23 ? -1.306  -11.036 7.527   1.00 0.00 ? 23 C   A "H1'"  1 
ATOM   740 H  H41    . C   A 1 23 ? -1.242  -5.100  5.181   1.00 0.00 ? 23 C   A H41    1 
ATOM   741 H  H42    . C   A 1 23 ? -2.703  -5.421  4.273   1.00 0.00 ? 23 C   A H42    1 
ATOM   742 H  H5     . C   A 1 23 ? -4.065  -7.440  4.656   1.00 0.00 ? 23 C   A H5     1 
ATOM   743 H  H6     . C   A 1 23 ? -4.143  -9.593  5.802   1.00 0.00 ? 23 C   A H6     1 
ATOM   744 P  P      . U   A 1 24 ? -5.508  -10.757 11.016  1.00 0.00 ? 24 U   A P      1 
ATOM   745 O  OP1    . U   A 1 24 ? -6.044  -11.710 12.013  1.00 0.00 ? 24 U   A OP1    1 
ATOM   746 O  OP2    . U   A 1 24 ? -6.411  -9.776  10.374  1.00 0.00 ? 24 U   A OP2    1 
ATOM   747 O  "O5'"  . U   A 1 24 ? -4.288  -9.954  11.693  1.00 0.00 ? 24 U   A "O5'"  1 
ATOM   748 C  "C5'"  . U   A 1 24 ? -3.496  -10.567 12.712  1.00 0.00 ? 24 U   A "C5'"  1 
ATOM   749 C  "C4'"  . U   A 1 24 ? -2.303  -9.699  13.101  1.00 0.00 ? 24 U   A "C4'"  1 
ATOM   750 O  "O4'"  . U   A 1 24 ? -1.681  -9.189  11.921  1.00 0.00 ? 24 U   A "O4'"  1 
ATOM   751 C  "C3'"  . U   A 1 24 ? -2.649  -8.450  13.887  1.00 0.00 ? 24 U   A "C3'"  1 
ATOM   752 O  "O3'"  . U   A 1 24 ? -2.601  -8.797  15.274  1.00 0.00 ? 24 U   A "O3'"  1 
ATOM   753 C  "C2'"  . U   A 1 24 ? -1.466  -7.534  13.613  1.00 0.00 ? 24 U   A "C2'"  1 
ATOM   754 O  "O2'"  . U   A 1 24 ? -0.392  -7.819  14.512  1.00 0.00 ? 24 U   A "O2'"  1 
ATOM   755 C  "C1'"  . U   A 1 24 ? -1.081  -7.909  12.179  1.00 0.00 ? 24 U   A "C1'"  1 
ATOM   756 N  N1     . U   A 1 24 ? -1.599  -6.936  11.190  1.00 0.00 ? 24 U   A N1     1 
ATOM   757 C  C2     . U   A 1 24 ? -0.797  -5.853  10.865  1.00 0.00 ? 24 U   A C2     1 
ATOM   758 O  O2     . U   A 1 24 ? 0.317   -5.687  11.356  1.00 0.00 ? 24 U   A O2     1 
ATOM   759 N  N3     . U   A 1 24 ? -1.323  -4.963  9.947   1.00 0.00 ? 24 U   A N3     1 
ATOM   760 C  C4     . U   A 1 24 ? -2.558  -5.060  9.336   1.00 0.00 ? 24 U   A C4     1 
ATOM   761 O  O4     . U   A 1 24 ? -2.915  -4.199  8.534   1.00 0.00 ? 24 U   A O4     1 
ATOM   762 C  C5     . U   A 1 24 ? -3.335  -6.215  9.726   1.00 0.00 ? 24 U   A C5     1 
ATOM   763 C  C6     . U   A 1 24 ? -2.836  -7.100  10.626  1.00 0.00 ? 24 U   A C6     1 
ATOM   764 H  "H5'"  . U   A 1 24 ? -3.131  -11.528 12.348  1.00 0.00 ? 24 U   A "H5'"  1 
ATOM   765 H  "H5''" . U   A 1 24 ? -4.116  -10.733 13.593  1.00 0.00 ? 24 U   A "H5''" 1 
ATOM   766 H  "H4'"  . U   A 1 24 ? -1.584  -10.309 13.646  1.00 0.00 ? 24 U   A "H4'"  1 
ATOM   767 H  "H3'"  . U   A 1 24 ? -3.609  -8.015  13.610  1.00 0.00 ? 24 U   A "H3'"  1 
ATOM   768 H  "H2'"  . U   A 1 24 ? -1.761  -6.488  13.671  1.00 0.00 ? 24 U   A "H2'"  1 
ATOM   769 H  "HO2'" . U   A 1 24 ? 0.338   -8.158  13.987  1.00 0.00 ? 24 U   A "HO2'" 1 
ATOM   770 H  "H1'"  . U   A 1 24 ? 0.003   -7.997  12.081  1.00 0.00 ? 24 U   A "H1'"  1 
ATOM   771 H  H3     . U   A 1 24 ? -0.751  -4.169  9.699   1.00 0.00 ? 24 U   A H3     1 
ATOM   772 H  H5     . U   A 1 24 ? -4.323  -6.375  9.296   1.00 0.00 ? 24 U   A H5     1 
ATOM   773 H  H6     . U   A 1 24 ? -3.438  -7.963  10.909  1.00 0.00 ? 24 U   A H6     1 
ATOM   774 P  P      . U   A 1 25 ? -3.481  -7.985  16.351  1.00 0.00 ? 25 U   A P      1 
ATOM   775 O  OP1    . U   A 1 25 ? -3.617  -8.821  17.563  1.00 0.00 ? 25 U   A OP1    1 
ATOM   776 O  OP2    . U   A 1 25 ? -4.689  -7.471  15.668  1.00 0.00 ? 25 U   A OP2    1 
ATOM   777 O  "O5'"  . U   A 1 25 ? -2.532  -6.732  16.706  1.00 0.00 ? 25 U   A "O5'"  1 
ATOM   778 C  "C5'"  . U   A 1 25 ? -1.414  -6.895  17.582  1.00 0.00 ? 25 U   A "C5'"  1 
ATOM   779 C  "C4'"  . U   A 1 25 ? -0.396  -5.772  17.406  1.00 0.00 ? 25 U   A "C4'"  1 
ATOM   780 O  "O4'"  . U   A 1 25 ? -0.251  -5.479  16.011  1.00 0.00 ? 25 U   A "O4'"  1 
ATOM   781 C  "C3'"  . U   A 1 25 ? -0.798  -4.443  18.020  1.00 0.00 ? 25 U   A "C3'"  1 
ATOM   782 O  "O3'"  . U   A 1 25 ? -0.262  -4.404  19.344  1.00 0.00 ? 25 U   A "O3'"  1 
ATOM   783 C  "C2'"  . U   A 1 25 ? -0.020  -3.439  17.187  1.00 0.00 ? 25 U   A "C2'"  1 
ATOM   784 O  "O2'"  . U   A 1 25 ? 1.340   -3.367  17.624  1.00 0.00 ? 25 U   A "O2'"  1 
ATOM   785 C  "C1'"  . U   A 1 25 ? -0.106  -4.063  15.797  1.00 0.00 ? 25 U   A "C1'"  1 
ATOM   786 N  N1     . U   A 1 25 ? -1.279  -3.572  15.041  1.00 0.00 ? 25 U   A N1     1 
ATOM   787 C  C2     . U   A 1 25 ? -1.165  -2.352  14.398  1.00 0.00 ? 25 U   A C2     1 
ATOM   788 O  O2     . U   A 1 25 ? -0.134  -1.685  14.428  1.00 0.00 ? 25 U   A O2     1 
ATOM   789 N  N3     . U   A 1 25 ? -2.286  -1.921  13.714  1.00 0.00 ? 25 U   A N3     1 
ATOM   790 C  C4     . U   A 1 25 ? -3.491  -2.593  13.619  1.00 0.00 ? 25 U   A C4     1 
ATOM   791 O  O4     . U   A 1 25 ? -4.419  -2.104  12.979  1.00 0.00 ? 25 U   A O4     1 
ATOM   792 C  C5     . U   A 1 25 ? -3.531  -3.859  14.316  1.00 0.00 ? 25 U   A C5     1 
ATOM   793 C  C6     . U   A 1 25 ? -2.442  -4.299  14.992  1.00 0.00 ? 25 U   A C6     1 
ATOM   794 H  "H5'"  . U   A 1 25 ? -0.933  -7.849  17.368  1.00 0.00 ? 25 U   A "H5'"  1 
ATOM   795 H  "H5''" . U   A 1 25 ? -1.766  -6.897  18.613  1.00 0.00 ? 25 U   A "H5''" 1 
ATOM   796 H  "H4'"  . U   A 1 25 ? 0.566   -6.100  17.801  1.00 0.00 ? 25 U   A "H4'"  1 
ATOM   797 H  "H3'"  . U   A 1 25 ? -1.875  -4.271  18.012  1.00 0.00 ? 25 U   A "H3'"  1 
ATOM   798 H  "H2'"  . U   A 1 25 ? -0.496  -2.459  17.208  1.00 0.00 ? 25 U   A "H2'"  1 
ATOM   799 H  "HO2'" . U   A 1 25 ? 1.346   -3.539  18.568  1.00 0.00 ? 25 U   A "HO2'" 1 
ATOM   800 H  "H1'"  . U   A 1 25 ? 0.805   -3.875  15.226  1.00 0.00 ? 25 U   A "H1'"  1 
ATOM   801 H  H3     . U   A 1 25 ? -2.218  -1.032  13.239  1.00 0.00 ? 25 U   A H3     1 
ATOM   802 H  H5     . U   A 1 25 ? -4.440  -4.460  14.297  1.00 0.00 ? 25 U   A H5     1 
ATOM   803 H  H6     . U   A 1 25 ? -2.489  -5.258  15.509  1.00 0.00 ? 25 U   A H6     1 
ATOM   804 P  P      . C   A 1 26 ? -1.018  -3.579  20.502  1.00 0.00 ? 26 C   A P      1 
ATOM   805 O  OP1    . C   A 1 26 ? -0.237  -3.716  21.753  1.00 0.00 ? 26 C   A OP1    1 
ATOM   806 O  OP2    . C   A 1 26 ? -2.449  -3.956  20.482  1.00 0.00 ? 26 C   A OP2    1 
ATOM   807 O  "O5'"  . C   A 1 26 ? -0.889  -2.058  19.992  1.00 0.00 ? 26 C   A "O5'"  1 
ATOM   808 C  "C5'"  . C   A 1 26 ? 0.357   -1.364  20.095  1.00 0.00 ? 26 C   A "C5'"  1 
ATOM   809 C  "C4'"  . C   A 1 26 ? 0.297   0.007   19.430  1.00 0.00 ? 26 C   A "C4'"  1 
ATOM   810 O  "O4'"  . C   A 1 26 ? -0.124  -0.137  18.072  1.00 0.00 ? 26 C   A "O4'"  1 
ATOM   811 C  "C3'"  . C   A 1 26 ? -0.725  0.960   20.014  1.00 0.00 ? 26 C   A "C3'"  1 
ATOM   812 O  "O3'"  . C   A 1 26 ? -0.082  1.687   21.063  1.00 0.00 ? 26 C   A "O3'"  1 
ATOM   813 C  "C2'"  . C   A 1 26 ? -0.964  1.935   18.872  1.00 0.00 ? 26 C   A "C2'"  1 
ATOM   814 O  "O2'"  . C   A 1 26 ? 0.050   2.942   18.853  1.00 0.00 ? 26 C   A "O2'"  1 
ATOM   815 C  "C1'"  . C   A 1 26 ? -0.846  1.032   17.643  1.00 0.00 ? 26 C   A "C1'"  1 
ATOM   816 N  N1     . C   A 1 26 ? -2.170  0.614   17.130  1.00 0.00 ? 26 C   A N1     1 
ATOM   817 C  C2     . C   A 1 26 ? -2.822  1.468   16.251  1.00 0.00 ? 26 C   A C2     1 
ATOM   818 O  O2     . C   A 1 26 ? -2.295  2.524   15.913  1.00 0.00 ? 26 C   A O2     1 
ATOM   819 N  N3     . C   A 1 26 ? -4.046  1.108   15.775  1.00 0.00 ? 26 C   A N3     1 
ATOM   820 C  C4     . C   A 1 26 ? -4.611  -0.048  16.151  1.00 0.00 ? 26 C   A C4     1 
ATOM   821 N  N4     . C   A 1 26 ? -5.812  -0.343  15.653  1.00 0.00 ? 26 C   A N4     1 
ATOM   822 C  C5     . C   A 1 26 ? -3.946  -0.933  17.056  1.00 0.00 ? 26 C   A C5     1 
ATOM   823 C  C6     . C   A 1 26 ? -2.735  -0.565  17.519  1.00 0.00 ? 26 C   A C6     1 
ATOM   824 H  "H5'"  . C   A 1 26 ? 1.135   -1.958  19.615  1.00 0.00 ? 26 C   A "H5'"  1 
ATOM   825 H  "H5''" . C   A 1 26 ? 0.607   -1.237  21.147  1.00 0.00 ? 26 C   A "H5''" 1 
ATOM   826 H  "H4'"  . C   A 1 26 ? 1.292   0.453   19.448  1.00 0.00 ? 26 C   A "H4'"  1 
ATOM   827 H  "H3'"  . C   A 1 26 ? -1.634  0.465   20.358  1.00 0.00 ? 26 C   A "H3'"  1 
ATOM   828 H  "H2'"  . C   A 1 26 ? -1.957  2.377   18.935  1.00 0.00 ? 26 C   A "H2'"  1 
ATOM   829 H  "HO2'" . C   A 1 26 ? 0.466   2.912   17.988  1.00 0.00 ? 26 C   A "HO2'" 1 
ATOM   830 H  "H1'"  . C   A 1 26 ? -0.285  1.530   16.852  1.00 0.00 ? 26 C   A "H1'"  1 
ATOM   831 H  H41    . C   A 1 26 ? -6.294  0.323   15.065  1.00 0.00 ? 26 C   A H41    1 
ATOM   832 H  H42    . C   A 1 26 ? -6.241  -1.233  15.863  1.00 0.00 ? 26 C   A H42    1 
ATOM   833 H  H5     . C   A 1 26 ? -4.396  -1.875  17.368  1.00 0.00 ? 26 C   A H5     1 
ATOM   834 H  H6     . C   A 1 26 ? -2.204  -1.216  18.213  1.00 0.00 ? 26 C   A H6     1 
ATOM   835 P  P      . C   A 1 27 ? -0.951  2.325   22.260  1.00 0.00 ? 27 C   A P      1 
ATOM   836 O  OP1    . C   A 1 27 ? -0.017  2.811   23.299  1.00 0.00 ? 27 C   A OP1    1 
ATOM   837 O  OP2    . C   A 1 27 ? -2.020  1.365   22.617  1.00 0.00 ? 27 C   A OP2    1 
ATOM   838 O  "O5'"  . C   A 1 27 ? -1.634  3.602   21.557  1.00 0.00 ? 27 C   A "O5'"  1 
ATOM   839 C  "C5'"  . C   A 1 27 ? -1.039  4.896   21.673  1.00 0.00 ? 27 C   A "C5'"  1 
ATOM   840 C  "C4'"  . C   A 1 27 ? -1.873  5.968   20.979  1.00 0.00 ? 27 C   A "C4'"  1 
ATOM   841 O  "O4'"  . C   A 1 27 ? -2.347  5.468   19.730  1.00 0.00 ? 27 C   A "O4'"  1 
ATOM   842 C  "C3'"  . C   A 1 27 ? -3.144  6.366   21.707  1.00 0.00 ? 27 C   A "C3'"  1 
ATOM   843 O  "O3'"  . C   A 1 27 ? -2.862  7.333   22.722  1.00 0.00 ? 27 C   A "O3'"  1 
ATOM   844 C  "C2'"  . C   A 1 27 ? -3.954  6.991   20.577  1.00 0.00 ? 27 C   A "C2'"  1 
ATOM   845 O  "O2'"  . C   A 1 27 ? -3.545  8.344   20.357  1.00 0.00 ? 27 C   A "O2'"  1 
ATOM   846 C  "C1'"  . C   A 1 27 ? -3.579  6.116   19.376  1.00 0.00 ? 27 C   A "C1'"  1 
ATOM   847 N  N1     . C   A 1 27 ? -4.602  5.083   19.093  1.00 0.00 ? 27 C   A N1     1 
ATOM   848 C  C2     . C   A 1 27 ? -5.713  5.464   18.355  1.00 0.00 ? 27 C   A C2     1 
ATOM   849 O  O2     . C   A 1 27 ? -5.823  6.620   17.955  1.00 0.00 ? 27 C   A O2     1 
ATOM   850 N  N3     . C   A 1 27 ? -6.670  4.533   18.086  1.00 0.00 ? 27 C   A N3     1 
ATOM   851 C  C4     . C   A 1 27 ? -6.541  3.273   18.525  1.00 0.00 ? 27 C   A C4     1 
ATOM   852 N  N4     . C   A 1 27 ? -7.512  2.408   18.230  1.00 0.00 ? 27 C   A N4     1 
ATOM   853 C  C5     . C   A 1 27 ? -5.398  2.874   19.287  1.00 0.00 ? 27 C   A C5     1 
ATOM   854 C  C6     . C   A 1 27 ? -4.459  3.804   19.546  1.00 0.00 ? 27 C   A C6     1 
ATOM   855 H  "H5'"  . C   A 1 27 ? -0.047  4.872   21.223  1.00 0.00 ? 27 C   A "H5'"  1 
ATOM   856 H  "H5''" . C   A 1 27 ? -0.945  5.150   22.729  1.00 0.00 ? 27 C   A "H5''" 1 
ATOM   857 H  "H4'"  . C   A 1 27 ? -1.247  6.841   20.797  1.00 0.00 ? 27 C   A "H4'"  1 
ATOM   858 H  "H3'"  . C   A 1 27 ? -3.651  5.493   22.120  1.00 0.00 ? 27 C   A "H3'"  1 
ATOM   859 H  "HO3'" . C   A 1 27 ? -2.718  6.854   23.541  1.00 0.00 ? 27 C   A "HO3'" 1 
ATOM   860 H  "H2'"  . C   A 1 27 ? -5.023  6.932   20.784  1.00 0.00 ? 27 C   A "H2'"  1 
ATOM   861 H  "HO2'" . C   A 1 27 ? -2.910  8.566   21.042  1.00 0.00 ? 27 C   A "HO2'" 1 
ATOM   862 H  "H1'"  . C   A 1 27 ? -3.419  6.725   18.485  1.00 0.00 ? 27 C   A "H1'"  1 
ATOM   863 H  H41    . C   A 1 27 ? -8.341  2.725   17.747  1.00 0.00 ? 27 C   A H41    1 
ATOM   864 H  H42    . C   A 1 27 ? -7.417  1.436   18.487  1.00 0.00 ? 27 C   A H42    1 
ATOM   865 H  H5     . C   A 1 27 ? -5.283  1.853   19.650  1.00 0.00 ? 27 C   A H5     1 
ATOM   866 H  H6     . C   A 1 27 ? -3.575  3.531   20.123  1.00 0.00 ? 27 C   A H6     1 
HETATM 867 CO CO     . NCO B 2 .  ? 2.602   -1.493  0.055   1.00 0.00 ? 28 NCO A CO     1 
HETATM 868 N  N1     . NCO B 2 .  ? 4.249   -2.581  -0.226  1.00 0.00 ? 28 NCO A N1     1 
HETATM 869 N  N2     . NCO B 2 .  ? 0.954   -0.406  0.335   1.00 0.00 ? 28 NCO A N2     1 
HETATM 870 N  N3     . NCO B 2 .  ? 1.500   -2.979  -0.687  1.00 0.00 ? 28 NCO A N3     1 
HETATM 871 N  N4     . NCO B 2 .  ? 2.411   -2.268  1.881   1.00 0.00 ? 28 NCO A N4     1 
HETATM 872 N  N5     . NCO B 2 .  ? 3.704   -0.006  0.795   1.00 0.00 ? 28 NCO A N5     1 
HETATM 873 N  N6     . NCO B 2 .  ? 2.793   -0.719  -1.772  1.00 0.00 ? 28 NCO A N6     1 
HETATM 874 H  HN11   . NCO B 2 .  ? 4.806   -2.224  -0.988  1.00 0.00 ? 28 NCO A HN11   1 
HETATM 875 H  HN12   . NCO B 2 .  ? 4.834   -2.590  0.597   1.00 0.00 ? 28 NCO A HN12   1 
HETATM 876 H  HN13   . NCO B 2 .  ? 4.024   -3.542  -0.443  1.00 0.00 ? 28 NCO A HN13   1 
HETATM 877 H  HN21   . NCO B 2 .  ? 1.177   0.552   0.563   1.00 0.00 ? 28 NCO A HN21   1 
HETATM 878 H  HN22   . NCO B 2 .  ? 0.374   -0.390  -0.491  1.00 0.00 ? 28 NCO A HN22   1 
HETATM 879 H  HN23   . NCO B 2 .  ? 0.392   -0.772  1.089   1.00 0.00 ? 28 NCO A HN23   1 
HETATM 880 H  HN31   . NCO B 2 .  ? 0.591   -2.655  -0.984  1.00 0.00 ? 28 NCO A HN31   1 
HETATM 881 H  HN32   . NCO B 2 .  ? 1.943   -3.407  -1.488  1.00 0.00 ? 28 NCO A HN32   1 
HETATM 882 H  HN33   . NCO B 2 .  ? 1.351   -3.707  -0.003  1.00 0.00 ? 28 NCO A HN33   1 
HETATM 883 H  HN41   . NCO B 2 .  ? 2.627   -1.588  2.596   1.00 0.00 ? 28 NCO A HN41   1 
HETATM 884 H  HN42   . NCO B 2 .  ? 1.472   -2.595  2.050   1.00 0.00 ? 28 NCO A HN42   1 
HETATM 885 H  HN43   . NCO B 2 .  ? 3.032   -3.053  2.016   1.00 0.00 ? 28 NCO A HN43   1 
HETATM 886 H  HN51   . NCO B 2 .  ? 3.262   0.421   1.597   1.00 0.00 ? 28 NCO A HN51   1 
HETATM 887 H  HN52   . NCO B 2 .  ? 4.614   -0.329  1.091   1.00 0.00 ? 28 NCO A HN52   1 
HETATM 888 H  HN53   . NCO B 2 .  ? 3.851   0.722   0.112   1.00 0.00 ? 28 NCO A HN53   1 
HETATM 889 H  HN61   . NCO B 2 .  ? 2.581   -1.399  -2.488  1.00 0.00 ? 28 NCO A HN61   1 
HETATM 890 H  HN62   . NCO B 2 .  ? 2.173   0.065   -1.908  1.00 0.00 ? 28 NCO A HN62   1 
HETATM 891 H  HN63   . NCO B 2 .  ? 3.734   -0.390  -1.940  1.00 0.00 ? 28 NCO A HN63   1 
# 
